data_3NUD
#
_entry.id   3NUD
#
_cell.length_a   204.650
_cell.length_b   204.650
_cell.length_c   66.610
_cell.angle_alpha   90.00
_cell.angle_beta   90.00
_cell.angle_gamma   120.00
#
_symmetry.space_group_name_H-M   'P 32 2 1'
#
loop_
_entity.id
_entity.type
_entity.pdbx_description
1 polymer 'Probable 3-deoxy-D-arabino-heptulosonate 7-phosphate synthase AroG'
2 non-polymer PHENYLALANINE
3 non-polymer 'PHOSPHATE ION'
4 water water
#
_entity_poly.entity_id   1
_entity_poly.type   'polypeptide(L)'
_entity_poly.pdbx_seq_one_letter_code
;GAMNWTVDIPIDQLPSLPPLPTDLRTRLDAALAKPAAQQPTWPADQALAMRTVLESVPPVTVPSEIVRLQEQLAQVAKGE
AFLLQGGDCAETFMDNTEPHIRGNVRALLQMAVVLTYGASMPVVKVARIAGQYAKPRSADIDALGLRSYRGDMINGFAPD
AAAREHDPSRLVRAYANASAAMNLVRALTSSGLASLHLVHDWNREFVRTSPAGARYEALATEIDRGLRFMSACGVADRNL
QTAEIYASHEALVLDYERAMLRLSDGDDGEPQLFDLSAHTVWIGERTRQIDGAHIAFAQVIANPVGVKLGPNMTPELAVE
YVERLDPHNKPGRLTLVSRMGNHKVRDLLPPIVEKVQATGHQVIWQCDPMHGNTHESSTGFKTRHFDRIVDEVQGFFEVH
RALGTHPGGIHVEITGENVTECLGGAQDISETDLAGRYETACDPRLNTQQSLELAFLVAEMLRD
;
_entity_poly.pdbx_strand_id   A,B
#
loop_
_chem_comp.id
_chem_comp.type
_chem_comp.name
_chem_comp.formula
PO4 non-polymer 'PHOSPHATE ION' 'O4 P -3'
#
# COMPACT_ATOMS: atom_id res chain seq x y z
N TRP A 5 -7.60 -19.69 -20.80
CA TRP A 5 -7.65 -18.25 -21.17
C TRP A 5 -6.71 -17.45 -20.26
N THR A 6 -5.62 -17.00 -20.85
CA THR A 6 -4.65 -16.16 -20.19
C THR A 6 -4.66 -14.76 -20.84
N VAL A 7 -3.61 -13.96 -20.60
CA VAL A 7 -3.57 -12.62 -21.15
C VAL A 7 -2.21 -11.96 -20.91
N ASP A 8 -1.30 -12.06 -21.88
CA ASP A 8 0.01 -11.43 -21.75
C ASP A 8 -0.11 -9.89 -21.63
N ILE A 9 0.86 -9.25 -20.99
CA ILE A 9 0.76 -7.82 -20.72
C ILE A 9 2.10 -7.14 -20.90
N PRO A 10 2.19 -6.28 -21.89
CA PRO A 10 3.43 -5.67 -22.37
C PRO A 10 4.40 -5.10 -21.30
N ILE A 11 5.50 -4.53 -21.81
CA ILE A 11 6.45 -3.76 -21.02
C ILE A 11 7.15 -2.70 -21.90
N PRO A 15 12.44 2.78 -19.98
CA PRO A 15 13.34 3.84 -19.49
C PRO A 15 14.00 3.51 -18.14
N SER A 16 15.20 2.92 -18.21
CA SER A 16 15.95 2.54 -17.00
C SER A 16 16.54 3.76 -16.28
N LEU A 17 16.02 4.03 -15.08
CA LEU A 17 16.53 5.11 -14.22
C LEU A 17 18.07 4.96 -14.08
N PRO A 18 18.71 5.83 -13.26
CA PRO A 18 20.14 5.62 -13.01
C PRO A 18 20.40 4.30 -12.27
N PRO A 19 21.52 3.63 -12.58
CA PRO A 19 21.81 2.36 -11.93
C PRO A 19 22.43 2.60 -10.55
N LEU A 20 22.60 1.52 -9.79
CA LEU A 20 23.16 1.62 -8.47
C LEU A 20 24.63 2.05 -8.56
N PRO A 21 25.12 2.73 -7.52
CA PRO A 21 26.54 3.07 -7.49
C PRO A 21 27.48 1.97 -8.04
N THR A 22 28.50 2.37 -8.78
CA THR A 22 29.46 1.42 -9.32
C THR A 22 30.17 0.65 -8.20
N ASP A 23 30.40 1.33 -7.09
CA ASP A 23 31.14 0.71 -6.02
C ASP A 23 30.31 -0.37 -5.32
N LEU A 24 29.03 -0.11 -5.08
CA LEU A 24 28.22 -1.10 -4.35
C LEU A 24 27.89 -2.20 -5.32
N ARG A 25 28.03 -1.92 -6.60
CA ARG A 25 27.65 -2.90 -7.57
C ARG A 25 28.74 -3.93 -7.64
N THR A 26 29.98 -3.46 -7.68
CA THR A 26 31.11 -4.37 -7.67
C THR A 26 31.03 -5.33 -6.49
N ARG A 27 30.56 -4.86 -5.35
CA ARG A 27 30.47 -5.72 -4.19
C ARG A 27 29.40 -6.77 -4.39
N LEU A 28 28.28 -6.30 -4.92
CA LEU A 28 27.14 -7.15 -5.25
C LEU A 28 27.59 -8.22 -6.25
N ASP A 29 28.15 -7.79 -7.37
CA ASP A 29 28.68 -8.73 -8.35
C ASP A 29 29.57 -9.79 -7.73
N ALA A 30 30.57 -9.35 -6.98
CA ALA A 30 31.48 -10.24 -6.30
C ALA A 30 30.70 -11.22 -5.48
N ALA A 31 29.59 -10.76 -4.92
CA ALA A 31 28.85 -11.63 -4.03
C ALA A 31 28.06 -12.67 -4.83
N LEU A 32 27.31 -12.23 -5.82
CA LEU A 32 26.41 -13.12 -6.52
C LEU A 32 27.20 -14.07 -7.38
N ALA A 33 28.49 -13.81 -7.52
CA ALA A 33 29.38 -14.66 -8.30
C ALA A 33 29.54 -16.05 -7.66
N LYS A 34 29.26 -16.11 -6.35
CA LYS A 34 29.31 -17.37 -5.62
C LYS A 34 28.24 -18.31 -6.14
N PRO A 35 28.40 -19.60 -5.86
CA PRO A 35 27.44 -20.49 -6.44
C PRO A 35 26.18 -20.36 -5.65
N ALA A 36 25.04 -20.39 -6.37
CA ALA A 36 23.73 -20.34 -5.74
C ALA A 36 23.04 -21.69 -5.83
N ALA A 37 22.27 -22.03 -4.81
CA ALA A 37 21.51 -23.28 -4.81
C ALA A 37 20.05 -23.01 -5.17
N GLN A 38 19.37 -24.05 -5.63
CA GLN A 38 17.91 -24.03 -5.76
C GLN A 38 17.38 -22.85 -6.54
N GLN A 39 18.11 -22.43 -7.57
CA GLN A 39 17.71 -21.30 -8.41
C GLN A 39 16.96 -21.78 -9.65
N PRO A 40 16.16 -20.89 -10.28
CA PRO A 40 15.42 -21.25 -11.47
C PRO A 40 16.35 -21.44 -12.63
N THR A 41 15.92 -22.23 -13.62
CA THR A 41 16.77 -22.59 -14.73
C THR A 41 16.29 -21.90 -15.99
N TRP A 42 16.02 -20.60 -15.92
CA TRP A 42 15.62 -19.86 -17.14
C TRP A 42 16.80 -19.14 -17.86
N PRO A 43 16.56 -18.66 -19.07
CA PRO A 43 17.62 -18.02 -19.82
C PRO A 43 18.09 -16.76 -19.17
N ALA A 44 19.38 -16.46 -19.29
CA ALA A 44 19.95 -15.34 -18.56
C ALA A 44 19.46 -14.09 -19.19
N ASP A 45 19.27 -14.14 -20.49
CA ASP A 45 18.87 -12.98 -21.27
C ASP A 45 17.48 -12.56 -20.86
N GLN A 46 16.56 -13.51 -20.83
CA GLN A 46 15.18 -13.19 -20.49
C GLN A 46 15.16 -12.67 -19.06
N ALA A 47 15.82 -13.41 -18.18
CA ALA A 47 15.91 -13.05 -16.76
C ALA A 47 16.48 -11.63 -16.54
N LEU A 48 17.34 -11.19 -17.46
CA LEU A 48 17.90 -9.83 -17.42
C LEU A 48 16.81 -8.78 -17.71
N ALA A 49 16.04 -9.04 -18.77
CA ALA A 49 14.96 -8.15 -19.17
C ALA A 49 14.06 -7.87 -18.00
N MET A 50 13.65 -8.93 -17.35
CA MET A 50 12.73 -8.86 -16.21
C MET A 50 13.35 -8.12 -15.03
N ARG A 51 14.62 -8.41 -14.74
CA ARG A 51 15.30 -7.68 -13.68
C ARG A 51 15.25 -6.17 -13.96
N THR A 52 15.44 -5.82 -15.23
CA THR A 52 15.43 -4.44 -15.67
C THR A 52 14.07 -3.77 -15.46
N VAL A 53 13.01 -4.54 -15.63
CA VAL A 53 11.69 -4.02 -15.36
C VAL A 53 11.64 -3.64 -13.88
N LEU A 54 12.05 -4.59 -13.04
CA LEU A 54 11.87 -4.46 -11.61
C LEU A 54 12.91 -3.52 -11.01
N GLU A 55 13.98 -3.27 -11.77
CA GLU A 55 15.00 -2.33 -11.33
C GLU A 55 14.48 -0.91 -11.12
N SER A 56 13.31 -0.60 -11.65
CA SER A 56 12.81 0.75 -11.59
C SER A 56 11.36 0.87 -11.14
N VAL A 57 10.77 -0.23 -10.68
CA VAL A 57 9.40 -0.18 -10.15
C VAL A 57 9.39 0.46 -8.76
N PRO A 58 8.18 0.83 -8.26
CA PRO A 58 7.97 1.27 -6.89
C PRO A 58 8.24 0.15 -5.92
N PRO A 59 8.90 0.46 -4.80
CA PRO A 59 9.30 -0.61 -3.88
C PRO A 59 8.17 -1.04 -2.98
N VAL A 60 8.25 -2.26 -2.48
CA VAL A 60 7.20 -2.86 -1.66
C VAL A 60 7.29 -2.29 -0.26
N THR A 61 8.50 -2.22 0.27
CA THR A 61 8.76 -1.50 1.53
C THR A 61 9.53 -0.23 1.22
N VAL A 62 9.84 0.56 2.25
CA VAL A 62 10.80 1.67 2.12
C VAL A 62 11.82 1.58 3.27
N PRO A 63 12.98 2.22 3.09
CA PRO A 63 14.09 2.13 4.06
C PRO A 63 13.75 2.57 5.48
N SER A 64 13.03 3.67 5.65
CA SER A 64 12.72 4.14 7.01
C SER A 64 11.89 3.08 7.74
N GLU A 65 11.12 2.30 7.00
CA GLU A 65 10.36 1.20 7.62
C GLU A 65 11.31 0.14 8.18
N ILE A 66 12.36 -0.17 7.42
CA ILE A 66 13.31 -1.24 7.74
C ILE A 66 14.23 -0.83 8.88
N VAL A 67 14.62 0.43 8.85
CA VAL A 67 15.46 1.04 9.87
C VAL A 67 14.71 1.14 11.17
N ARG A 68 13.38 1.19 11.08
CA ARG A 68 12.57 1.17 12.29
C ARG A 68 12.32 -0.24 12.78
N LEU A 69 12.12 -1.18 11.86
CA LEU A 69 11.90 -2.58 12.28
C LEU A 69 13.13 -3.04 13.06
N GLN A 70 14.29 -2.78 12.47
CA GLN A 70 15.59 -3.13 13.07
C GLN A 70 15.66 -2.69 14.53
N GLU A 71 15.24 -1.45 14.77
CA GLU A 71 15.14 -0.89 16.12
C GLU A 71 14.25 -1.72 17.06
N GLN A 72 13.12 -2.20 16.58
CA GLN A 72 12.27 -3.02 17.41
C GLN A 72 12.89 -4.39 17.55
N LEU A 73 13.59 -4.83 16.52
CA LEU A 73 14.22 -6.13 16.58
C LEU A 73 15.37 -6.07 17.58
N ALA A 74 15.93 -4.88 17.82
CA ALA A 74 16.98 -4.75 18.81
C ALA A 74 16.44 -5.06 20.22
N GLN A 75 15.23 -4.60 20.51
CA GLN A 75 14.61 -4.86 21.80
C GLN A 75 14.19 -6.32 21.89
N VAL A 76 13.68 -6.85 20.78
CA VAL A 76 13.35 -8.26 20.79
C VAL A 76 14.56 -9.05 21.24
N ALA A 77 15.75 -8.68 20.73
CA ALA A 77 16.99 -9.42 21.01
C ALA A 77 17.56 -9.11 22.39
N LYS A 78 17.27 -7.90 22.89
CA LYS A 78 17.67 -7.52 24.25
C LYS A 78 16.67 -8.01 25.30
N GLY A 79 15.86 -9.01 24.95
CA GLY A 79 14.94 -9.62 25.92
C GLY A 79 13.96 -8.63 26.55
N GLU A 80 13.37 -7.79 25.69
CA GLU A 80 12.33 -6.89 26.12
C GLU A 80 11.11 -6.93 25.21
N ALA A 81 11.18 -7.68 24.13
CA ALA A 81 10.03 -7.84 23.24
C ALA A 81 10.04 -9.23 22.61
N PHE A 82 8.95 -9.57 21.94
CA PHE A 82 8.76 -10.89 21.35
C PHE A 82 8.56 -10.84 19.83
N LEU A 83 9.10 -11.83 19.13
CA LEU A 83 8.95 -11.88 17.68
C LEU A 83 7.75 -12.74 17.37
N LEU A 84 6.96 -12.38 16.36
CA LEU A 84 5.85 -13.24 15.95
C LEU A 84 5.78 -13.30 14.45
N GLN A 85 6.42 -14.31 13.88
CA GLN A 85 6.43 -14.47 12.42
C GLN A 85 5.41 -15.56 12.02
N GLY A 86 4.65 -15.29 10.97
CA GLY A 86 3.54 -16.16 10.61
C GLY A 86 2.83 -15.70 9.36
N GLY A 87 2.13 -16.63 8.72
CA GLY A 87 1.54 -16.40 7.41
C GLY A 87 1.46 -17.68 6.59
N ASP A 88 1.03 -17.54 5.34
CA ASP A 88 0.86 -18.68 4.47
C ASP A 88 2.18 -19.43 4.30
N CYS A 89 2.10 -20.76 4.30
CA CYS A 89 3.24 -21.59 3.94
C CYS A 89 3.74 -21.15 2.56
N ALA A 90 2.86 -21.22 1.57
CA ALA A 90 3.19 -20.74 0.21
C ALA A 90 2.10 -19.80 -0.34
N GLU A 91 2.44 -18.55 -0.59
CA GLU A 91 1.52 -17.66 -1.27
C GLU A 91 1.37 -18.11 -2.71
N THR A 92 0.13 -18.34 -3.14
CA THR A 92 -0.20 -18.53 -4.56
C THR A 92 -0.81 -17.24 -5.12
N PHE A 93 -0.67 -17.03 -6.42
CA PHE A 93 -1.20 -15.82 -7.06
C PHE A 93 -2.71 -15.85 -7.11
N MET A 94 -3.27 -17.05 -7.09
CA MET A 94 -4.70 -17.22 -7.28
C MET A 94 -5.47 -16.90 -6.01
N ASP A 95 -4.84 -17.16 -4.87
CA ASP A 95 -5.40 -16.79 -3.57
C ASP A 95 -4.95 -15.41 -3.13
N ASN A 96 -4.19 -14.73 -3.96
CA ASN A 96 -3.80 -13.36 -3.67
C ASN A 96 -5.00 -12.45 -3.78
N THR A 97 -6.00 -12.75 -2.94
CA THR A 97 -7.26 -12.04 -2.89
C THR A 97 -7.54 -11.39 -1.54
N GLU A 98 -8.59 -10.58 -1.52
CA GLU A 98 -8.87 -9.68 -0.42
C GLU A 98 -9.29 -10.45 0.85
N PRO A 99 -10.02 -11.55 0.68
CA PRO A 99 -10.47 -12.28 1.85
C PRO A 99 -9.38 -13.13 2.42
N HIS A 100 -8.45 -13.54 1.56
CA HIS A 100 -7.36 -14.39 1.98
C HIS A 100 -6.33 -13.63 2.82
N ILE A 101 -6.00 -12.41 2.40
CA ILE A 101 -5.07 -11.53 3.09
C ILE A 101 -5.71 -10.98 4.36
N ARG A 102 -6.96 -10.54 4.25
CA ARG A 102 -7.75 -10.12 5.42
C ARG A 102 -7.68 -11.23 6.46
N GLY A 103 -7.70 -12.46 5.98
CA GLY A 103 -7.68 -13.60 6.87
C GLY A 103 -6.38 -13.75 7.61
N ASN A 104 -5.27 -13.70 6.87
CA ASN A 104 -4.01 -14.08 7.45
C ASN A 104 -3.58 -12.91 8.29
N VAL A 105 -4.00 -11.71 7.92
CA VAL A 105 -3.66 -10.59 8.77
C VAL A 105 -4.42 -10.74 10.06
N ARG A 106 -5.69 -11.12 9.97
N ARG A 106 -5.68 -11.13 9.96
CA ARG A 106 -6.53 -11.29 11.17
CA ARG A 106 -6.56 -11.32 11.13
C ARG A 106 -5.94 -12.36 12.07
C ARG A 106 -5.98 -12.37 12.06
N ALA A 107 -5.71 -13.56 11.54
CA ALA A 107 -5.13 -14.64 12.33
C ALA A 107 -3.90 -14.14 13.08
N LEU A 108 -3.05 -13.41 12.38
CA LEU A 108 -1.80 -12.93 12.98
C LEU A 108 -2.08 -11.97 14.13
N LEU A 109 -2.98 -11.01 13.93
CA LEU A 109 -3.23 -10.04 14.98
C LEU A 109 -3.81 -10.71 16.22
N GLN A 110 -4.81 -11.57 16.02
CA GLN A 110 -5.34 -12.37 17.13
C GLN A 110 -4.22 -13.03 17.93
N MET A 111 -3.27 -13.66 17.25
CA MET A 111 -2.16 -14.31 17.94
C MET A 111 -1.37 -13.25 18.71
N ALA A 112 -1.21 -12.09 18.09
CA ALA A 112 -0.41 -11.01 18.69
C ALA A 112 -1.02 -10.64 20.02
N VAL A 113 -2.34 -10.46 20.05
CA VAL A 113 -2.97 -9.92 21.25
C VAL A 113 -2.68 -10.83 22.39
N VAL A 114 -2.88 -12.13 22.18
CA VAL A 114 -2.74 -13.11 23.26
C VAL A 114 -1.32 -13.26 23.77
N LEU A 115 -0.36 -13.23 22.85
CA LEU A 115 1.05 -13.33 23.21
C LEU A 115 1.57 -12.03 23.82
N THR A 116 1.08 -10.89 23.34
CA THR A 116 1.46 -9.60 23.92
C THR A 116 1.13 -9.62 25.41
N TYR A 117 -0.08 -10.06 25.72
CA TYR A 117 -0.53 -10.10 27.11
C TYR A 117 0.26 -11.14 27.89
N GLY A 118 0.45 -12.30 27.27
CA GLY A 118 1.22 -13.40 27.87
C GLY A 118 2.67 -13.05 28.20
N ALA A 119 3.36 -12.42 27.26
CA ALA A 119 4.77 -12.07 27.45
C ALA A 119 4.88 -10.78 28.21
N SER A 120 3.77 -10.06 28.33
CA SER A 120 3.79 -8.80 29.04
C SER A 120 4.81 -7.89 28.42
N MET A 121 5.04 -8.05 27.12
CA MET A 121 5.94 -7.17 26.39
C MET A 121 5.53 -7.05 24.93
N PRO A 122 5.89 -5.94 24.29
CA PRO A 122 5.56 -5.72 22.88
C PRO A 122 5.89 -6.93 22.01
N VAL A 123 5.02 -7.21 21.06
CA VAL A 123 5.24 -8.26 20.10
C VAL A 123 5.41 -7.62 18.73
N VAL A 124 6.58 -7.79 18.12
CA VAL A 124 6.83 -7.30 16.76
C VAL A 124 6.18 -8.29 15.81
N LYS A 125 5.18 -7.81 15.06
CA LYS A 125 4.40 -8.63 14.14
C LYS A 125 5.00 -8.64 12.74
N VAL A 126 5.61 -9.75 12.37
CA VAL A 126 6.17 -9.93 11.03
C VAL A 126 5.36 -10.97 10.28
N ALA A 127 4.84 -10.63 9.11
CA ALA A 127 3.97 -11.54 8.33
C ALA A 127 4.66 -12.20 7.16
N ARG A 128 4.50 -13.51 7.05
CA ARG A 128 4.92 -14.26 5.86
C ARG A 128 3.99 -13.88 4.72
N ILE A 129 4.27 -12.77 4.03
CA ILE A 129 3.33 -12.25 3.05
C ILE A 129 3.97 -11.37 1.98
N ALA A 130 3.22 -11.10 0.91
CA ALA A 130 3.70 -10.21 -0.11
C ALA A 130 5.10 -10.58 -0.60
N GLY A 131 5.30 -11.80 -1.10
CA GLY A 131 6.64 -12.25 -1.56
C GLY A 131 7.02 -13.72 -1.38
N GLN A 132 6.27 -14.47 -0.59
CA GLN A 132 6.54 -15.90 -0.41
C GLN A 132 6.03 -16.71 -1.60
N TYR A 133 6.68 -16.56 -2.75
CA TYR A 133 6.19 -17.20 -3.97
C TYR A 133 7.20 -18.22 -4.59
N ALA A 134 8.16 -18.66 -3.79
CA ALA A 134 9.19 -19.59 -4.27
C ALA A 134 9.62 -20.53 -3.17
N LYS A 135 9.86 -21.78 -3.56
CA LYS A 135 10.31 -22.77 -2.62
C LYS A 135 11.32 -23.76 -3.18
N PRO A 136 12.29 -24.17 -2.36
CA PRO A 136 13.23 -25.15 -2.84
C PRO A 136 12.56 -26.51 -2.99
N ARG A 137 13.20 -27.38 -3.75
CA ARG A 137 12.68 -28.73 -3.94
C ARG A 137 13.83 -29.67 -3.95
N SER A 138 13.81 -30.63 -3.03
CA SER A 138 14.82 -31.69 -2.97
C SER A 138 14.48 -32.79 -4.00
N ALA A 139 13.33 -32.65 -4.65
CA ALA A 139 12.90 -33.59 -5.71
C ALA A 139 12.96 -32.93 -7.11
N ASP A 140 13.96 -33.24 -7.92
CA ASP A 140 14.05 -32.63 -9.26
C ASP A 140 12.89 -33.04 -10.19
N ILE A 141 12.45 -34.31 -10.08
CA ILE A 141 11.19 -34.82 -10.70
C ILE A 141 10.19 -35.25 -9.65
N ASP A 142 8.96 -34.78 -9.78
CA ASP A 142 7.94 -35.01 -8.75
C ASP A 142 7.23 -36.37 -8.87
N ALA A 143 6.15 -36.54 -8.10
CA ALA A 143 5.54 -37.85 -7.93
C ALA A 143 4.70 -38.23 -9.13
N LEU A 144 4.37 -37.25 -9.95
CA LEU A 144 3.62 -37.49 -11.18
C LEU A 144 4.57 -37.49 -12.38
N GLY A 145 5.84 -37.27 -12.12
CA GLY A 145 6.83 -37.29 -13.19
C GLY A 145 6.82 -36.02 -14.01
N LEU A 146 6.63 -34.88 -13.33
CA LEU A 146 6.73 -33.56 -13.96
C LEU A 146 7.82 -32.74 -13.28
N ARG A 147 8.37 -31.76 -13.98
CA ARG A 147 9.32 -30.84 -13.34
C ARG A 147 8.70 -30.24 -12.08
N SER A 148 9.29 -30.53 -10.94
CA SER A 148 8.79 -30.02 -9.67
C SER A 148 8.32 -28.56 -9.72
N TYR A 149 7.20 -28.33 -9.03
CA TYR A 149 6.62 -27.02 -8.84
C TYR A 149 7.50 -26.28 -7.87
N ARG A 150 7.95 -25.07 -8.20
CA ARG A 150 8.86 -24.34 -7.32
C ARG A 150 8.35 -22.98 -6.81
N GLY A 151 7.03 -22.84 -6.67
CA GLY A 151 6.46 -21.54 -6.32
C GLY A 151 6.01 -20.70 -7.53
N ASP A 152 5.00 -19.86 -7.32
CA ASP A 152 4.41 -19.14 -8.43
C ASP A 152 5.40 -18.15 -9.02
N MET A 153 6.47 -17.88 -8.29
CA MET A 153 7.42 -16.92 -8.77
C MET A 153 8.25 -17.59 -9.86
N ILE A 154 8.16 -18.91 -9.95
CA ILE A 154 9.04 -19.68 -10.86
C ILE A 154 8.24 -20.39 -11.92
N ASN A 155 7.26 -21.17 -11.47
CA ASN A 155 6.43 -21.96 -12.40
C ASN A 155 5.04 -22.16 -11.79
N GLY A 156 4.21 -22.98 -12.43
CA GLY A 156 2.80 -23.12 -12.01
C GLY A 156 2.42 -24.46 -11.43
N PHE A 157 1.44 -24.48 -10.54
CA PHE A 157 0.99 -25.72 -9.89
C PHE A 157 0.31 -26.74 -10.84
N ALA A 158 -0.36 -26.25 -11.86
CA ALA A 158 -1.07 -27.11 -12.79
C ALA A 158 -0.17 -28.24 -13.22
N PRO A 159 -0.60 -29.49 -12.96
CA PRO A 159 0.11 -30.68 -13.38
C PRO A 159 0.15 -30.86 -14.89
N ASP A 160 0.80 -29.93 -15.58
CA ASP A 160 1.06 -30.08 -17.01
C ASP A 160 2.46 -29.56 -17.36
N ALA A 161 3.10 -30.21 -18.33
CA ALA A 161 4.50 -29.96 -18.68
C ALA A 161 4.77 -28.48 -18.98
N ALA A 162 3.82 -27.88 -19.70
CA ALA A 162 3.95 -26.49 -20.15
C ALA A 162 4.01 -25.58 -18.96
N ALA A 163 3.06 -25.74 -18.05
CA ALA A 163 2.93 -24.89 -16.88
C ALA A 163 4.14 -24.99 -15.98
N ARG A 164 4.82 -26.14 -16.01
CA ARG A 164 5.92 -26.40 -15.09
C ARG A 164 7.25 -25.87 -15.59
N GLU A 165 7.25 -25.30 -16.79
CA GLU A 165 8.49 -24.66 -17.30
C GLU A 165 8.70 -23.26 -16.73
N HIS A 166 9.92 -23.04 -16.24
CA HIS A 166 10.27 -21.82 -15.48
C HIS A 166 10.15 -20.56 -16.34
N ASP A 167 9.21 -19.69 -16.01
CA ASP A 167 8.97 -18.49 -16.79
C ASP A 167 9.36 -17.23 -16.03
N PRO A 168 10.31 -16.44 -16.58
CA PRO A 168 10.84 -15.26 -15.87
C PRO A 168 9.85 -14.08 -15.82
N SER A 169 8.80 -14.15 -16.61
CA SER A 169 7.76 -13.13 -16.50
C SER A 169 7.12 -13.27 -15.13
N ARG A 170 7.25 -14.44 -14.52
CA ARG A 170 6.70 -14.66 -13.20
C ARG A 170 7.42 -13.80 -12.16
N LEU A 171 8.59 -13.28 -12.55
CA LEU A 171 9.25 -12.30 -11.73
C LEU A 171 8.38 -11.03 -11.59
N VAL A 172 7.84 -10.57 -12.72
CA VAL A 172 7.03 -9.34 -12.74
C VAL A 172 5.65 -9.53 -12.13
N ARG A 173 5.12 -10.72 -12.35
CA ARG A 173 3.81 -11.08 -11.86
C ARG A 173 3.92 -11.20 -10.38
N ALA A 174 5.09 -11.65 -9.92
CA ALA A 174 5.30 -11.79 -8.49
C ALA A 174 5.30 -10.43 -7.81
N TYR A 175 5.89 -9.45 -8.49
CA TYR A 175 5.95 -8.10 -7.97
C TYR A 175 4.57 -7.49 -7.90
N ALA A 176 3.86 -7.53 -9.02
CA ALA A 176 2.53 -6.95 -9.08
C ALA A 176 1.67 -7.44 -7.91
N ASN A 177 1.80 -8.70 -7.52
CA ASN A 177 0.97 -9.25 -6.45
C ASN A 177 1.51 -8.91 -5.08
N ALA A 178 2.83 -8.91 -4.95
CA ALA A 178 3.46 -8.50 -3.71
C ALA A 178 3.13 -7.03 -3.41
N SER A 179 3.11 -6.16 -4.40
CA SER A 179 2.82 -4.76 -4.11
C SER A 179 1.33 -4.56 -3.84
N ALA A 180 0.48 -5.21 -4.64
CA ALA A 180 -1.00 -5.16 -4.42
C ALA A 180 -1.36 -5.69 -3.03
N ALA A 181 -0.73 -6.80 -2.63
CA ALA A 181 -0.97 -7.41 -1.34
C ALA A 181 -0.48 -6.52 -0.22
N MET A 182 0.68 -5.91 -0.43
CA MET A 182 1.23 -5.00 0.59
C MET A 182 0.37 -3.73 0.67
N ASN A 183 -0.17 -3.30 -0.46
CA ASN A 183 -1.02 -2.12 -0.46
C ASN A 183 -2.23 -2.32 0.45
N LEU A 184 -2.64 -3.58 0.61
CA LEU A 184 -3.84 -3.91 1.36
C LEU A 184 -3.55 -4.07 2.84
N VAL A 185 -2.49 -4.80 3.21
CA VAL A 185 -2.13 -4.90 4.64
C VAL A 185 -1.90 -3.52 5.22
N ARG A 186 -1.32 -2.61 4.45
CA ARG A 186 -1.17 -1.24 4.88
C ARG A 186 -2.53 -0.64 5.21
N ALA A 187 -3.44 -0.76 4.24
CA ALA A 187 -4.79 -0.23 4.37
C ALA A 187 -5.49 -0.82 5.58
N LEU A 188 -5.44 -2.14 5.69
CA LEU A 188 -6.20 -2.84 6.69
C LEU A 188 -5.59 -2.50 8.04
N THR A 189 -4.26 -2.55 8.11
CA THR A 189 -3.58 -2.44 9.39
C THR A 189 -3.72 -1.08 9.99
N SER A 190 -4.04 -0.09 9.13
CA SER A 190 -4.15 1.33 9.53
C SER A 190 -5.61 1.78 9.70
N SER A 191 -6.53 0.86 9.46
CA SER A 191 -7.96 1.11 9.73
C SER A 191 -8.44 0.33 10.98
N GLY A 192 -9.72 -0.03 10.97
CA GLY A 192 -10.31 -0.66 12.14
C GLY A 192 -9.99 -2.14 12.23
N LEU A 193 -9.29 -2.69 11.23
CA LEU A 193 -9.05 -4.14 11.24
C LEU A 193 -8.04 -4.53 12.28
N ALA A 194 -7.22 -3.57 12.69
CA ALA A 194 -6.23 -3.80 13.72
C ALA A 194 -6.56 -3.01 15.00
N SER A 195 -7.85 -2.73 15.20
CA SER A 195 -8.29 -2.19 16.48
C SER A 195 -8.20 -3.26 17.54
N LEU A 196 -7.48 -2.94 18.61
CA LEU A 196 -7.21 -3.91 19.65
C LEU A 196 -8.49 -4.53 20.19
N HIS A 197 -9.52 -3.72 20.35
CA HIS A 197 -10.79 -4.20 20.92
C HIS A 197 -11.47 -5.12 19.91
N LEU A 198 -11.69 -4.60 18.72
CA LEU A 198 -12.32 -5.36 17.68
C LEU A 198 -11.57 -6.66 17.45
N VAL A 199 -10.24 -6.65 17.63
CA VAL A 199 -9.44 -7.84 17.36
C VAL A 199 -9.72 -8.97 18.36
N HIS A 200 -9.91 -8.60 19.63
CA HIS A 200 -10.11 -9.59 20.68
C HIS A 200 -11.53 -10.14 20.69
N ASP A 201 -12.45 -9.36 20.15
CA ASP A 201 -13.83 -9.83 20.00
C ASP A 201 -13.84 -11.14 19.26
N TRP A 202 -12.91 -11.28 18.32
CA TRP A 202 -12.83 -12.46 17.49
C TRP A 202 -12.30 -13.63 18.29
N ASN A 203 -11.53 -13.31 19.32
CA ASN A 203 -10.96 -14.34 20.19
C ASN A 203 -12.01 -14.82 21.18
N ARG A 204 -12.77 -13.88 21.72
CA ARG A 204 -13.75 -14.21 22.74
C ARG A 204 -14.76 -15.17 22.14
N GLU A 205 -15.10 -14.93 20.89
CA GLU A 205 -16.05 -15.76 20.19
C GLU A 205 -15.43 -17.11 19.84
N PHE A 206 -14.11 -17.15 19.69
CA PHE A 206 -13.39 -18.42 19.54
C PHE A 206 -13.46 -19.27 20.81
N VAL A 207 -13.68 -18.63 21.95
CA VAL A 207 -13.75 -19.34 23.22
C VAL A 207 -15.16 -19.89 23.49
N ARG A 208 -16.16 -19.18 22.99
CA ARG A 208 -17.53 -19.69 23.01
C ARG A 208 -17.71 -20.82 22.00
N THR A 209 -17.20 -20.63 20.79
CA THR A 209 -17.52 -21.51 19.69
C THR A 209 -16.46 -22.59 19.43
N SER A 210 -15.45 -22.70 20.28
CA SER A 210 -14.53 -23.84 20.19
C SER A 210 -14.90 -24.90 21.21
N PRO A 211 -14.62 -26.18 20.87
CA PRO A 211 -14.72 -27.28 21.82
C PRO A 211 -13.51 -27.22 22.76
N ALA A 212 -12.37 -26.79 22.23
CA ALA A 212 -11.23 -26.44 23.06
C ALA A 212 -11.45 -24.99 23.46
N GLY A 213 -12.45 -24.77 24.31
CA GLY A 213 -12.82 -23.43 24.79
C GLY A 213 -12.64 -23.33 26.29
N ALA A 214 -13.29 -24.22 27.03
CA ALA A 214 -13.22 -24.20 28.49
C ALA A 214 -11.78 -24.10 28.97
N ARG A 215 -10.85 -24.66 28.19
CA ARG A 215 -9.44 -24.63 28.55
C ARG A 215 -8.91 -23.18 28.56
N TYR A 216 -9.35 -22.41 27.58
CA TYR A 216 -8.79 -21.09 27.35
C TYR A 216 -9.63 -19.89 27.86
N GLU A 217 -10.89 -20.17 28.22
CA GLU A 217 -11.82 -19.13 28.62
C GLU A 217 -11.22 -18.34 29.79
N ALA A 218 -10.59 -19.05 30.71
CA ALA A 218 -9.92 -18.43 31.83
C ALA A 218 -9.13 -17.22 31.34
N LEU A 219 -8.05 -17.51 30.64
CA LEU A 219 -7.14 -16.48 30.17
C LEU A 219 -7.83 -15.51 29.23
N ALA A 220 -8.78 -16.02 28.45
CA ALA A 220 -9.49 -15.21 27.46
C ALA A 220 -10.29 -14.09 28.14
N THR A 221 -10.76 -14.38 29.35
CA THR A 221 -11.43 -13.40 30.20
C THR A 221 -10.45 -12.41 30.81
N GLU A 222 -9.31 -12.91 31.23
CA GLU A 222 -8.28 -12.09 31.80
C GLU A 222 -7.88 -11.02 30.79
N ILE A 223 -7.78 -11.40 29.52
CA ILE A 223 -7.27 -10.46 28.54
C ILE A 223 -8.27 -9.32 28.32
N ASP A 224 -9.54 -9.68 28.52
CA ASP A 224 -10.64 -8.77 28.28
C ASP A 224 -10.62 -7.72 29.39
N ARG A 225 -10.41 -8.20 30.60
CA ARG A 225 -10.38 -7.31 31.74
C ARG A 225 -9.11 -6.44 31.72
N GLY A 226 -8.06 -6.93 31.07
CA GLY A 226 -6.88 -6.10 30.84
C GLY A 226 -7.26 -4.99 29.88
N LEU A 227 -8.06 -5.34 28.87
CA LEU A 227 -8.47 -4.38 27.85
C LEU A 227 -9.42 -3.36 28.45
N ARG A 228 -10.36 -3.87 29.21
CA ARG A 228 -11.34 -3.03 29.82
C ARG A 228 -10.69 -2.18 30.91
N PHE A 229 -9.68 -2.73 31.59
CA PHE A 229 -8.99 -1.97 32.63
C PHE A 229 -8.35 -0.74 32.05
N MET A 230 -7.73 -0.86 30.88
CA MET A 230 -7.08 0.30 30.29
C MET A 230 -8.05 1.29 29.61
N SER A 231 -9.27 0.86 29.36
CA SER A 231 -10.30 1.78 28.85
C SER A 231 -10.84 2.63 29.99
N ALA A 232 -10.95 2.03 31.16
CA ALA A 232 -11.42 2.72 32.35
C ALA A 232 -10.37 3.71 32.82
N CYS A 233 -9.10 3.44 32.52
CA CYS A 233 -8.03 4.37 32.89
C CYS A 233 -8.02 5.55 31.93
N GLY A 234 -8.78 5.43 30.85
CA GLY A 234 -8.85 6.49 29.86
C GLY A 234 -7.55 6.68 29.08
N VAL A 235 -7.09 5.59 28.42
CA VAL A 235 -5.92 5.66 27.54
C VAL A 235 -6.36 5.82 26.09
N ALA A 236 -5.70 6.74 25.39
N ALA A 236 -5.64 6.68 25.36
CA ALA A 236 -6.11 7.17 24.05
CA ALA A 236 -6.01 7.07 24.00
C ALA A 236 -6.26 6.01 23.07
C ALA A 236 -5.95 5.90 23.01
N ASP A 237 -7.50 5.53 22.90
N ASP A 237 -7.12 5.38 22.65
CA ASP A 237 -7.79 4.54 21.86
CA ASP A 237 -7.20 4.32 21.65
C ASP A 237 -7.02 4.97 20.62
C ASP A 237 -6.16 4.57 20.56
N ARG A 238 -7.05 6.27 20.35
N ARG A 238 -6.20 5.76 19.98
CA ARG A 238 -6.22 6.89 19.31
CA ARG A 238 -5.30 6.10 18.89
C ARG A 238 -4.75 6.75 19.69
C ARG A 238 -4.30 4.98 18.68
N ASN A 239 -4.48 6.63 20.98
N ASN A 239 -3.49 4.73 19.71
CA ASN A 239 -3.14 6.38 21.49
CA ASN A 239 -2.46 3.71 19.61
C ASN A 239 -2.74 4.93 21.20
C ASN A 239 -3.07 2.32 19.55
N LEU A 240 -1.62 4.75 20.50
N LEU A 240 -4.27 2.20 20.13
CA LEU A 240 -1.13 3.40 20.13
CA LEU A 240 -4.95 0.90 20.27
C LEU A 240 -0.12 3.46 18.97
C LEU A 240 -5.86 0.62 19.09
N GLN A 241 0.14 2.29 18.38
N GLN A 241 -5.86 1.53 18.12
CA GLN A 241 0.97 2.18 17.17
CA GLN A 241 -6.79 1.47 16.99
C GLN A 241 0.07 1.76 16.01
C GLN A 241 -6.20 0.76 15.79
N THR A 242 -1.21 1.58 16.33
N THR A 242 -4.89 0.91 15.58
CA THR A 242 -2.24 1.14 15.37
CA THR A 242 -4.23 0.29 14.45
C THR A 242 -2.14 -0.38 15.14
C THR A 242 -2.79 -0.09 14.82
N ALA A 243 -0.93 -0.84 14.86
N ALA A 243 -2.24 -1.10 14.13
CA ALA A 243 -0.64 -2.24 14.61
CA ALA A 243 -0.92 -1.65 14.47
C ALA A 243 0.23 -2.37 13.37
C ALA A 243 0.02 -1.73 13.26
N GLU A 244 1.53 -2.13 13.55
N GLU A 244 1.29 -2.03 13.51
CA GLU A 244 2.48 -2.20 12.44
CA GLU A 244 2.28 -2.19 12.44
C GLU A 244 2.73 -3.65 12.11
C GLU A 244 2.54 -3.67 12.17
N ILE A 245 2.32 -4.07 10.91
CA ILE A 245 2.58 -5.44 10.45
C ILE A 245 3.61 -5.42 9.32
N TYR A 246 4.79 -5.97 9.61
CA TYR A 246 5.88 -6.08 8.65
C TYR A 246 5.77 -7.30 7.75
N ALA A 247 6.28 -7.12 6.52
CA ALA A 247 6.26 -8.18 5.51
C ALA A 247 7.57 -8.92 5.45
N SER A 248 7.49 -10.23 5.20
CA SER A 248 8.65 -11.10 5.10
C SER A 248 8.40 -12.31 4.21
N HIS A 249 9.48 -12.89 3.71
CA HIS A 249 9.44 -14.15 2.99
C HIS A 249 10.88 -14.72 2.91
N GLU A 250 10.99 -16.02 2.66
CA GLU A 250 12.28 -16.64 2.37
C GLU A 250 12.92 -16.09 1.04
N ALA A 251 14.12 -15.52 1.15
CA ALA A 251 14.80 -14.93 0.01
C ALA A 251 15.43 -16.05 -0.81
N LEU A 252 14.68 -16.61 -1.75
CA LEU A 252 15.20 -17.74 -2.53
C LEU A 252 15.61 -17.38 -3.99
N VAL A 253 14.67 -16.90 -4.80
CA VAL A 253 14.96 -16.57 -6.18
C VAL A 253 15.77 -15.27 -6.26
N LEU A 254 17.07 -15.37 -6.54
CA LEU A 254 17.97 -14.22 -6.33
C LEU A 254 17.80 -13.14 -7.35
N ASP A 255 17.43 -13.54 -8.56
CA ASP A 255 17.19 -12.58 -9.63
C ASP A 255 16.14 -11.57 -9.21
N TYR A 256 15.18 -12.00 -8.41
CA TYR A 256 14.11 -11.09 -7.96
C TYR A 256 14.63 -10.18 -6.85
N GLU A 257 15.38 -10.76 -5.93
CA GLU A 257 15.83 -9.99 -4.79
C GLU A 257 16.85 -8.92 -5.15
N ARG A 258 17.59 -9.13 -6.23
CA ARG A 258 18.62 -8.17 -6.59
C ARG A 258 18.02 -7.02 -7.40
N ALA A 259 16.95 -7.32 -8.12
CA ALA A 259 16.26 -6.30 -8.89
C ALA A 259 15.64 -5.35 -7.90
N MET A 260 15.33 -5.86 -6.72
CA MET A 260 14.58 -5.09 -5.75
C MET A 260 15.52 -4.40 -4.77
N LEU A 261 16.81 -4.47 -5.07
CA LEU A 261 17.81 -3.80 -4.26
C LEU A 261 17.76 -2.35 -4.62
N ARG A 262 17.65 -1.49 -3.62
CA ARG A 262 17.61 -0.05 -3.83
C ARG A 262 18.58 0.58 -2.84
N LEU A 263 18.93 1.83 -3.10
CA LEU A 263 19.85 2.58 -2.25
C LEU A 263 19.13 3.63 -1.43
N SER A 264 19.29 3.62 -0.12
CA SER A 264 18.74 4.71 0.70
C SER A 264 19.26 6.09 0.20
N ASP A 265 18.47 7.13 0.45
CA ASP A 265 18.81 8.49 0.00
C ASP A 265 19.90 9.14 0.87
N GLY A 266 20.07 8.65 2.09
CA GLY A 266 21.22 9.04 2.93
C GLY A 266 21.14 10.40 3.60
N ASP A 267 19.93 10.89 3.85
CA ASP A 267 19.75 12.03 4.76
C ASP A 267 19.94 11.49 6.18
N ASP A 268 19.97 10.15 6.28
CA ASP A 268 20.37 9.44 7.50
C ASP A 268 21.54 8.46 7.21
N GLY A 269 22.42 8.25 8.20
CA GLY A 269 23.58 7.34 8.12
C GLY A 269 24.53 7.60 6.97
N GLU A 270 24.81 6.55 6.21
CA GLU A 270 25.45 6.68 4.91
C GLU A 270 24.55 6.07 3.80
N PRO A 271 25.11 5.90 2.58
CA PRO A 271 24.34 5.15 1.58
C PRO A 271 24.64 3.67 1.78
N GLN A 272 23.56 2.86 1.81
CA GLN A 272 23.66 1.41 2.00
C GLN A 272 22.59 0.71 1.18
N LEU A 273 22.84 -0.53 0.79
CA LEU A 273 21.86 -1.29 0.02
C LEU A 273 20.74 -1.78 0.94
N PHE A 274 19.50 -1.68 0.47
CA PHE A 274 18.35 -2.32 1.11
C PHE A 274 17.66 -3.20 0.07
N ASP A 275 17.10 -4.34 0.51
CA ASP A 275 16.22 -5.12 -0.35
C ASP A 275 14.77 -4.72 -0.10
N LEU A 276 14.23 -3.87 -0.96
CA LEU A 276 12.88 -3.33 -0.75
C LEU A 276 11.78 -4.23 -1.33
N SER A 277 12.06 -5.53 -1.43
CA SER A 277 11.04 -6.50 -1.79
C SER A 277 10.29 -6.91 -0.54
N ALA A 278 10.78 -6.45 0.61
CA ALA A 278 10.24 -6.86 1.89
C ALA A 278 10.87 -6.08 3.03
N HIS A 279 10.49 -6.44 4.24
CA HIS A 279 11.08 -5.79 5.39
C HIS A 279 12.26 -6.64 5.89
N THR A 280 11.97 -7.84 6.35
CA THR A 280 12.96 -8.80 6.78
C THR A 280 12.88 -9.94 5.77
N VAL A 281 14.00 -10.63 5.55
CA VAL A 281 13.97 -11.89 4.82
C VAL A 281 14.85 -12.91 5.51
N TRP A 282 14.57 -14.19 5.28
CA TRP A 282 15.45 -15.22 5.78
C TRP A 282 15.93 -16.14 4.66
N ILE A 283 16.95 -16.92 5.01
CA ILE A 283 17.64 -17.78 4.08
C ILE A 283 17.48 -19.19 4.57
N GLY A 284 17.01 -20.07 3.67
CA GLY A 284 16.50 -21.39 4.04
C GLY A 284 17.54 -22.45 4.38
N GLU A 285 17.07 -23.54 4.97
CA GLU A 285 17.95 -24.62 5.38
C GLU A 285 18.79 -25.12 4.21
N ARG A 286 18.19 -25.21 3.02
CA ARG A 286 18.89 -25.76 1.86
C ARG A 286 19.70 -24.75 1.04
N THR A 287 19.71 -23.49 1.44
CA THR A 287 20.40 -22.48 0.64
C THR A 287 21.27 -21.59 1.49
N ARG A 288 21.63 -22.10 2.67
CA ARG A 288 22.45 -21.36 3.65
C ARG A 288 23.93 -21.72 3.61
N GLN A 289 24.34 -22.45 2.57
CA GLN A 289 25.75 -22.70 2.28
C GLN A 289 26.56 -21.45 2.63
N ILE A 290 27.45 -21.60 3.60
CA ILE A 290 28.25 -20.50 4.16
C ILE A 290 29.02 -19.71 3.11
N ASP A 291 29.51 -20.38 2.07
CA ASP A 291 30.21 -19.69 1.00
C ASP A 291 29.39 -19.63 -0.28
N GLY A 292 28.08 -19.81 -0.14
CA GLY A 292 27.14 -19.64 -1.26
C GLY A 292 26.68 -18.21 -1.48
N ALA A 293 25.92 -18.00 -2.56
CA ALA A 293 25.48 -16.67 -2.97
C ALA A 293 24.44 -16.04 -2.01
N HIS A 294 23.76 -16.88 -1.25
CA HIS A 294 22.60 -16.45 -0.47
C HIS A 294 23.02 -15.77 0.81
N ILE A 295 24.06 -16.28 1.44
CA ILE A 295 24.60 -15.60 2.61
C ILE A 295 25.38 -14.37 2.15
N ALA A 296 25.92 -14.42 0.95
CA ALA A 296 26.71 -13.30 0.47
C ALA A 296 25.78 -12.17 0.28
N PHE A 297 24.57 -12.51 -0.16
CA PHE A 297 23.51 -11.53 -0.40
C PHE A 297 23.12 -10.89 0.93
N ALA A 298 22.91 -11.71 1.96
CA ALA A 298 22.51 -11.22 3.26
C ALA A 298 23.54 -10.25 3.81
N GLN A 299 24.82 -10.48 3.51
CA GLN A 299 25.84 -9.55 3.93
C GLN A 299 25.64 -8.17 3.30
N VAL A 300 25.36 -8.15 2.00
CA VAL A 300 25.36 -6.88 1.28
C VAL A 300 24.15 -6.05 1.69
N ILE A 301 23.00 -6.67 1.87
CA ILE A 301 21.77 -5.91 2.17
C ILE A 301 21.77 -5.52 3.65
N ALA A 302 21.03 -4.47 3.98
CA ALA A 302 20.99 -3.92 5.33
C ALA A 302 19.85 -4.50 6.17
N ASN A 303 18.85 -5.03 5.47
CA ASN A 303 17.66 -5.52 6.14
C ASN A 303 18.02 -6.47 7.30
N PRO A 304 17.20 -6.47 8.35
CA PRO A 304 17.27 -7.49 9.36
C PRO A 304 17.08 -8.84 8.74
N VAL A 305 18.01 -9.75 9.00
CA VAL A 305 18.08 -11.00 8.29
C VAL A 305 17.93 -12.18 9.23
N GLY A 306 17.45 -13.30 8.73
CA GLY A 306 17.37 -14.49 9.55
C GLY A 306 17.87 -15.72 8.82
N VAL A 307 18.22 -16.78 9.56
CA VAL A 307 18.67 -18.06 8.97
C VAL A 307 18.05 -19.25 9.68
N LYS A 308 17.60 -20.22 8.89
CA LYS A 308 17.03 -21.45 9.41
C LYS A 308 18.15 -22.34 9.89
N LEU A 309 17.99 -22.94 11.06
CA LEU A 309 18.98 -23.86 11.64
C LEU A 309 18.31 -25.21 11.92
N GLY A 310 18.87 -26.26 11.33
CA GLY A 310 18.33 -27.61 11.46
C GLY A 310 19.19 -28.51 12.33
N PRO A 311 18.88 -29.81 12.31
CA PRO A 311 19.56 -30.83 13.12
C PRO A 311 21.03 -31.03 12.77
N ASN A 312 21.43 -30.72 11.55
CA ASN A 312 22.82 -30.92 11.15
C ASN A 312 23.71 -29.75 11.56
N MET A 313 23.14 -28.79 12.28
CA MET A 313 23.86 -27.59 12.56
C MET A 313 24.93 -27.90 13.59
N THR A 314 26.14 -27.37 13.37
CA THR A 314 27.23 -27.49 14.33
C THR A 314 27.55 -26.12 14.92
N PRO A 315 27.54 -26.01 16.25
CA PRO A 315 27.72 -24.69 16.89
C PRO A 315 28.83 -23.89 16.27
N GLU A 316 29.86 -24.54 15.78
CA GLU A 316 30.95 -23.80 15.16
C GLU A 316 30.47 -23.04 13.91
N LEU A 317 29.64 -23.69 13.10
CA LEU A 317 29.08 -23.05 11.91
C LEU A 317 28.09 -21.94 12.30
N ALA A 318 27.18 -22.26 13.20
CA ALA A 318 26.27 -21.26 13.76
C ALA A 318 27.01 -19.96 14.14
N VAL A 319 28.21 -20.13 14.69
CA VAL A 319 29.09 -19.00 15.00
C VAL A 319 29.53 -18.27 13.71
N GLU A 320 29.82 -19.04 12.67
CA GLU A 320 30.31 -18.46 11.42
C GLU A 320 29.26 -17.56 10.80
N TYR A 321 28.00 -17.93 11.00
CA TYR A 321 26.90 -17.05 10.62
C TYR A 321 26.91 -15.76 11.44
N VAL A 322 27.09 -15.88 12.76
CA VAL A 322 27.13 -14.68 13.62
C VAL A 322 28.20 -13.69 13.15
N GLU A 323 29.22 -14.18 12.43
CA GLU A 323 30.38 -13.34 12.07
C GLU A 323 30.34 -12.79 10.64
N ARG A 324 29.76 -13.55 9.72
CA ARG A 324 29.49 -13.05 8.38
C ARG A 324 28.37 -11.99 8.42
N LEU A 325 27.26 -12.38 9.05
CA LEU A 325 26.04 -11.63 8.95
C LEU A 325 26.02 -10.43 9.90
N ASP A 326 26.50 -10.57 11.13
CA ASP A 326 26.43 -9.42 12.03
C ASP A 326 27.82 -9.03 12.42
N PRO A 327 28.66 -8.70 11.43
CA PRO A 327 30.03 -8.33 11.74
C PRO A 327 30.11 -7.06 12.58
N HIS A 328 29.11 -6.20 12.48
CA HIS A 328 29.13 -4.93 13.17
C HIS A 328 28.58 -4.99 14.60
N ASN A 329 28.16 -6.18 15.01
CA ASN A 329 27.37 -6.34 16.23
C ASN A 329 26.25 -5.27 16.39
N LYS A 330 25.23 -5.39 15.56
CA LYS A 330 24.02 -4.60 15.72
C LYS A 330 22.92 -5.53 16.23
N PRO A 331 22.64 -5.49 17.56
CA PRO A 331 21.64 -6.34 18.18
C PRO A 331 20.37 -6.48 17.36
N GLY A 332 19.87 -7.70 17.22
CA GLY A 332 18.69 -7.96 16.43
C GLY A 332 18.87 -8.01 14.90
N ARG A 333 20.04 -7.66 14.40
CA ARG A 333 20.27 -7.71 12.95
C ARG A 333 20.10 -9.14 12.43
N LEU A 334 20.55 -10.10 13.22
CA LEU A 334 20.48 -11.50 12.81
C LEU A 334 19.64 -12.29 13.79
N THR A 335 18.70 -13.05 13.25
CA THR A 335 17.81 -13.87 14.03
C THR A 335 18.12 -15.28 13.64
N LEU A 336 18.63 -16.07 14.55
CA LEU A 336 18.85 -17.49 14.24
C LEU A 336 17.56 -18.27 14.53
N VAL A 337 16.95 -18.83 13.49
CA VAL A 337 15.70 -19.57 13.66
C VAL A 337 16.00 -21.04 13.86
N SER A 338 15.32 -21.66 14.80
CA SER A 338 15.60 -23.05 15.09
C SER A 338 14.49 -23.93 14.59
N ARG A 339 14.83 -24.91 13.75
CA ARG A 339 13.85 -25.94 13.38
C ARG A 339 14.48 -27.32 13.47
N MET A 340 14.62 -27.81 14.70
CA MET A 340 15.18 -29.14 14.98
C MET A 340 14.08 -30.21 14.94
N GLY A 341 13.19 -30.16 15.91
CA GLY A 341 12.22 -31.22 16.14
C GLY A 341 12.12 -31.48 17.63
N ASN A 342 10.89 -31.52 18.15
CA ASN A 342 10.63 -31.65 19.60
C ASN A 342 11.55 -32.69 20.27
N HIS A 343 11.68 -33.83 19.60
CA HIS A 343 12.51 -34.90 20.09
C HIS A 343 14.02 -34.51 20.11
N LYS A 344 14.42 -33.60 19.23
CA LYS A 344 15.84 -33.28 19.07
C LYS A 344 16.18 -31.86 19.52
N VAL A 345 15.17 -31.08 19.87
CA VAL A 345 15.36 -29.65 20.17
C VAL A 345 16.12 -29.52 21.46
N ARG A 346 15.69 -30.31 22.43
CA ARG A 346 16.17 -30.19 23.78
C ARG A 346 17.64 -30.60 23.90
N ASP A 347 18.07 -31.53 23.07
CA ASP A 347 19.44 -32.02 23.13
C ASP A 347 20.32 -31.19 22.24
N LEU A 348 19.78 -30.70 21.12
CA LEU A 348 20.64 -30.13 20.09
C LEU A 348 20.87 -28.63 20.22
N LEU A 349 19.86 -27.92 20.71
CA LEU A 349 19.88 -26.45 20.69
C LEU A 349 20.90 -25.82 21.67
N PRO A 350 20.88 -26.26 22.94
CA PRO A 350 21.71 -25.62 23.93
C PRO A 350 23.16 -25.45 23.49
N PRO A 351 23.83 -26.56 23.13
CA PRO A 351 25.23 -26.37 22.77
C PRO A 351 25.45 -25.17 21.85
N ILE A 352 24.45 -24.85 21.04
CA ILE A 352 24.56 -23.78 20.03
C ILE A 352 24.45 -22.42 20.67
N VAL A 353 23.35 -22.22 21.39
CA VAL A 353 23.11 -21.01 22.16
C VAL A 353 24.41 -20.58 22.82
N GLU A 354 24.97 -21.49 23.61
CA GLU A 354 26.15 -21.22 24.42
C GLU A 354 27.31 -20.68 23.61
N LYS A 355 27.60 -21.40 22.52
CA LYS A 355 28.74 -21.11 21.64
C LYS A 355 28.52 -19.75 20.97
N VAL A 356 27.26 -19.49 20.65
CA VAL A 356 26.85 -18.27 20.00
C VAL A 356 26.81 -17.11 20.97
N GLN A 357 26.19 -17.29 22.14
CA GLN A 357 26.16 -16.21 23.12
C GLN A 357 27.57 -15.80 23.53
N ALA A 358 28.48 -16.77 23.48
CA ALA A 358 29.88 -16.55 23.83
C ALA A 358 30.62 -15.61 22.87
N THR A 359 30.11 -15.46 21.65
CA THR A 359 30.74 -14.54 20.67
C THR A 359 30.63 -13.08 21.06
N GLY A 360 29.71 -12.78 21.98
CA GLY A 360 29.42 -11.42 22.38
C GLY A 360 28.16 -10.91 21.70
N HIS A 361 28.00 -11.25 20.43
CA HIS A 361 26.86 -10.78 19.63
C HIS A 361 25.48 -11.13 20.21
N GLN A 362 24.51 -10.25 19.97
CA GLN A 362 23.15 -10.50 20.44
C GLN A 362 22.22 -10.92 19.29
N VAL A 363 22.04 -12.22 19.09
CA VAL A 363 21.10 -12.65 18.08
C VAL A 363 19.70 -12.81 18.66
N ILE A 364 18.70 -12.79 17.78
CA ILE A 364 17.35 -13.11 18.22
C ILE A 364 17.17 -14.59 18.08
N TRP A 365 16.52 -15.20 19.07
CA TRP A 365 16.35 -16.64 19.06
C TRP A 365 14.90 -16.99 18.75
N GLN A 366 14.63 -17.33 17.51
CA GLN A 366 13.27 -17.63 17.09
C GLN A 366 13.08 -19.14 16.96
N CYS A 367 11.86 -19.59 17.20
CA CYS A 367 11.56 -21.01 17.14
C CYS A 367 10.58 -21.34 16.03
N ASP A 368 10.91 -22.38 15.30
CA ASP A 368 10.16 -22.78 14.11
C ASP A 368 9.83 -24.23 14.31
N PRO A 369 8.66 -24.50 14.89
CA PRO A 369 8.25 -25.83 15.21
C PRO A 369 7.44 -26.46 14.08
N MET A 370 7.63 -25.96 12.87
CA MET A 370 6.76 -26.28 11.76
C MET A 370 7.38 -27.32 10.83
N HIS A 371 8.58 -27.03 10.34
CA HIS A 371 9.32 -27.88 9.41
C HIS A 371 9.86 -29.09 10.17
N GLY A 372 10.36 -28.82 11.38
CA GLY A 372 10.98 -29.84 12.22
C GLY A 372 10.02 -30.91 12.73
N ASN A 373 8.73 -30.66 12.59
CA ASN A 373 7.72 -31.60 13.07
C ASN A 373 6.75 -31.94 11.94
N THR A 374 7.01 -33.05 11.26
CA THR A 374 6.16 -33.44 10.15
C THR A 374 6.17 -34.99 10.01
N HIS A 375 5.00 -35.62 10.04
CA HIS A 375 4.91 -37.09 10.11
C HIS A 375 4.77 -37.82 8.75
N GLU A 376 4.03 -37.23 7.80
CA GLU A 376 3.72 -37.87 6.51
C GLU A 376 2.64 -38.95 6.71
N SER A 377 1.37 -38.55 6.61
CA SER A 377 0.25 -39.39 7.06
C SER A 377 0.06 -40.66 6.26
N SER A 378 -0.79 -41.54 6.78
CA SER A 378 -1.00 -42.88 6.22
C SER A 378 -2.12 -42.95 5.17
N THR A 379 -2.76 -41.81 4.89
CA THR A 379 -3.84 -41.73 3.88
C THR A 379 -3.41 -40.96 2.60
N GLY A 380 -2.11 -40.91 2.33
CA GLY A 380 -1.59 -40.24 1.13
C GLY A 380 -1.23 -38.77 1.37
N PHE A 381 -2.09 -38.05 2.08
CA PHE A 381 -1.89 -36.62 2.36
C PHE A 381 -0.71 -36.44 3.34
N LYS A 382 0.25 -35.59 2.99
CA LYS A 382 1.33 -35.25 3.93
C LYS A 382 0.67 -34.47 5.07
N THR A 383 1.27 -34.51 6.27
CA THR A 383 0.67 -33.86 7.46
C THR A 383 1.72 -33.54 8.55
N ARG A 384 1.38 -32.54 9.38
CA ARG A 384 2.15 -32.21 10.60
C ARG A 384 1.27 -32.50 11.85
N HIS A 385 1.87 -32.91 12.97
CA HIS A 385 1.09 -33.16 14.19
C HIS A 385 1.17 -32.00 15.15
N PHE A 386 0.07 -31.69 15.81
CA PHE A 386 -0.03 -30.46 16.57
C PHE A 386 0.71 -30.51 17.89
N ASP A 387 0.63 -31.65 18.57
CA ASP A 387 1.29 -31.81 19.87
C ASP A 387 2.80 -31.74 19.71
N ARG A 388 3.29 -32.48 18.73
CA ARG A 388 4.71 -32.45 18.40
C ARG A 388 5.14 -31.01 18.18
N ILE A 389 4.24 -30.19 17.63
CA ILE A 389 4.53 -28.75 17.37
C ILE A 389 4.63 -27.92 18.65
N VAL A 390 3.60 -28.00 19.48
CA VAL A 390 3.61 -27.33 20.79
C VAL A 390 4.85 -27.72 21.58
N ASP A 391 5.20 -29.00 21.48
CA ASP A 391 6.29 -29.51 22.28
C ASP A 391 7.60 -28.82 21.94
N GLU A 392 7.90 -28.70 20.65
CA GLU A 392 9.16 -28.09 20.27
C GLU A 392 9.25 -26.71 20.91
N VAL A 393 8.15 -25.99 20.85
CA VAL A 393 8.11 -24.64 21.39
C VAL A 393 8.27 -24.74 22.91
N GLN A 394 7.67 -25.76 23.48
CA GLN A 394 7.88 -26.01 24.89
C GLN A 394 9.36 -26.18 25.21
N GLY A 395 9.98 -27.21 24.62
CA GLY A 395 11.41 -27.48 24.80
C GLY A 395 12.29 -26.27 24.44
N PHE A 396 11.96 -25.65 23.31
CA PHE A 396 12.63 -24.42 22.91
C PHE A 396 12.70 -23.41 24.07
N PHE A 397 11.61 -23.31 24.82
CA PHE A 397 11.57 -22.42 25.98
C PHE A 397 12.42 -22.97 27.12
N GLU A 398 12.32 -24.28 27.33
CA GLU A 398 13.03 -24.95 28.42
C GLU A 398 14.50 -24.81 28.21
N VAL A 399 14.94 -25.09 27.00
CA VAL A 399 16.34 -24.91 26.67
C VAL A 399 16.84 -23.52 27.10
N HIS A 400 16.07 -22.49 26.75
CA HIS A 400 16.47 -21.10 26.99
C HIS A 400 16.39 -20.76 28.47
N ARG A 401 15.21 -20.95 29.07
CA ARG A 401 15.07 -20.78 30.54
C ARG A 401 16.31 -21.28 31.27
N ALA A 402 16.71 -22.52 30.98
CA ALA A 402 17.87 -23.14 31.63
C ALA A 402 19.15 -22.31 31.50
N LEU A 403 19.43 -21.85 30.29
CA LEU A 403 20.67 -21.08 30.04
C LEU A 403 20.45 -19.59 30.29
N GLY A 404 19.25 -19.23 30.73
CA GLY A 404 18.93 -17.84 31.09
C GLY A 404 18.98 -16.88 29.91
N THR A 405 18.98 -17.46 28.71
CA THR A 405 18.90 -16.68 27.49
C THR A 405 17.44 -16.42 27.18
N HIS A 406 17.23 -15.57 26.17
CA HIS A 406 15.89 -15.08 25.85
C HIS A 406 15.28 -15.81 24.66
N PRO A 407 14.32 -16.69 24.94
CA PRO A 407 13.46 -17.18 23.87
C PRO A 407 12.73 -16.02 23.18
N GLY A 408 13.09 -15.78 21.92
CA GLY A 408 12.71 -14.55 21.21
C GLY A 408 11.35 -14.53 20.55
N GLY A 409 11.01 -15.59 19.82
CA GLY A 409 9.72 -15.67 19.14
C GLY A 409 9.44 -16.93 18.34
N ILE A 410 8.34 -16.95 17.63
CA ILE A 410 8.02 -18.14 16.87
C ILE A 410 7.80 -17.80 15.40
N HIS A 411 8.06 -18.78 14.54
CA HIS A 411 7.80 -18.67 13.11
C HIS A 411 6.76 -19.73 12.84
N VAL A 412 5.65 -19.38 12.22
CA VAL A 412 4.56 -20.33 12.13
C VAL A 412 3.98 -20.27 10.75
N GLU A 413 3.56 -21.41 10.21
CA GLU A 413 2.87 -21.45 8.92
C GLU A 413 1.38 -21.63 9.19
N ILE A 414 0.59 -20.57 9.05
CA ILE A 414 -0.83 -20.59 9.46
C ILE A 414 -1.77 -20.11 8.34
N THR A 415 -3.05 -19.95 8.68
CA THR A 415 -4.07 -19.40 7.75
C THR A 415 -5.38 -18.92 8.44
N GLY A 416 -6.02 -17.94 7.82
CA GLY A 416 -7.32 -17.42 8.25
C GLY A 416 -8.47 -18.37 7.94
N GLU A 417 -8.45 -18.98 6.74
CA GLU A 417 -9.45 -20.00 6.34
C GLU A 417 -9.26 -21.27 7.17
N ASN A 418 -10.37 -21.82 7.68
CA ASN A 418 -10.32 -23.05 8.49
C ASN A 418 -10.26 -24.28 7.55
N VAL A 419 -9.05 -24.61 7.10
CA VAL A 419 -8.81 -25.68 6.13
C VAL A 419 -8.20 -26.92 6.79
N THR A 420 -8.27 -28.06 6.10
CA THR A 420 -7.73 -29.34 6.60
C THR A 420 -7.93 -30.46 5.58
N TYR A 438 -7.54 -29.54 3.06
CA TYR A 438 -6.19 -29.47 2.50
C TYR A 438 -6.21 -28.60 1.25
N GLU A 439 -6.65 -27.35 1.40
CA GLU A 439 -6.87 -26.46 0.25
C GLU A 439 -5.67 -25.56 -0.05
N THR A 440 -4.52 -25.93 0.51
CA THR A 440 -3.25 -25.28 0.21
C THR A 440 -2.58 -25.97 -0.99
N ALA A 441 -1.68 -25.25 -1.66
CA ALA A 441 -0.92 -25.78 -2.80
C ALA A 441 0.54 -26.04 -2.44
N CYS A 442 0.79 -26.36 -1.17
CA CYS A 442 2.13 -26.61 -0.65
C CYS A 442 2.09 -27.53 0.57
N ASP A 443 3.02 -27.33 1.51
CA ASP A 443 3.11 -28.16 2.71
C ASP A 443 1.92 -27.92 3.66
N PRO A 444 1.62 -28.93 4.50
CA PRO A 444 0.57 -28.86 5.55
C PRO A 444 0.97 -28.02 6.78
N ARG A 445 0.02 -27.76 7.66
CA ARG A 445 0.27 -26.80 8.73
C ARG A 445 -0.85 -26.77 9.78
N LEU A 446 -1.00 -25.60 10.39
CA LEU A 446 -2.07 -25.28 11.32
C LEU A 446 -3.17 -24.53 10.58
N ASN A 447 -4.35 -24.42 11.21
CA ASN A 447 -5.44 -23.61 10.69
C ASN A 447 -5.73 -22.43 11.59
N THR A 448 -6.55 -21.49 11.14
CA THR A 448 -6.90 -20.35 11.96
C THR A 448 -7.10 -20.75 13.42
N GLN A 449 -7.97 -21.74 13.65
CA GLN A 449 -8.33 -22.14 15.00
C GLN A 449 -7.21 -22.88 15.73
N GLN A 450 -6.20 -23.29 15.00
CA GLN A 450 -5.15 -24.10 15.57
C GLN A 450 -4.00 -23.22 15.98
N SER A 451 -3.74 -22.19 15.20
CA SER A 451 -2.66 -21.24 15.51
C SER A 451 -3.07 -20.39 16.71
N LEU A 452 -4.33 -19.96 16.70
CA LEU A 452 -4.88 -19.20 17.83
C LEU A 452 -4.71 -20.04 19.08
N GLU A 453 -5.09 -21.30 18.97
CA GLU A 453 -4.95 -22.22 20.07
C GLU A 453 -3.49 -22.32 20.55
N LEU A 454 -2.56 -22.29 19.59
CA LEU A 454 -1.13 -22.33 19.87
C LEU A 454 -0.66 -21.05 20.57
N ALA A 455 -1.17 -19.91 20.14
CA ALA A 455 -0.75 -18.65 20.74
C ALA A 455 -1.08 -18.68 22.24
N PHE A 456 -2.28 -19.17 22.55
CA PHE A 456 -2.68 -19.34 23.95
C PHE A 456 -1.69 -20.22 24.73
N LEU A 457 -1.22 -21.25 24.07
CA LEU A 457 -0.37 -22.21 24.72
C LEU A 457 0.99 -21.61 24.89
N VAL A 458 1.44 -20.87 23.88
CA VAL A 458 2.76 -20.23 24.00
C VAL A 458 2.61 -19.11 25.01
N ALA A 459 1.38 -18.66 25.18
CA ALA A 459 1.08 -17.58 26.11
C ALA A 459 1.36 -17.99 27.56
N GLU A 460 1.01 -19.22 27.91
CA GLU A 460 1.28 -19.72 29.26
C GLU A 460 2.77 -20.05 29.45
N MET A 461 3.42 -20.51 28.41
CA MET A 461 4.87 -20.68 28.47
C MET A 461 5.57 -19.36 28.89
N LEU A 462 5.05 -18.21 28.46
CA LEU A 462 5.72 -16.94 28.72
C LEU A 462 5.58 -16.50 30.16
N ARG A 463 4.47 -16.89 30.79
CA ARG A 463 4.11 -16.49 32.17
C ARG A 463 5.01 -17.06 33.25
N ASP A 464 5.71 -18.16 32.93
CA ASP A 464 6.56 -18.84 33.93
C ASP A 464 8.10 -18.57 33.77
N GLY B 1 7.98 -16.15 -20.84
CA GLY B 1 8.15 -14.68 -20.67
C GLY B 1 8.57 -14.04 -21.97
N ALA B 2 7.74 -14.23 -22.99
CA ALA B 2 7.98 -13.71 -24.35
C ALA B 2 7.71 -12.21 -24.40
N MET B 3 8.64 -11.44 -23.83
CA MET B 3 8.60 -9.96 -23.90
C MET B 3 7.44 -9.35 -23.09
N ASN B 4 6.64 -10.17 -22.43
CA ASN B 4 5.50 -9.65 -21.61
C ASN B 4 4.86 -10.66 -20.62
N TRP B 5 4.54 -10.18 -19.41
CA TRP B 5 3.98 -11.03 -18.35
C TRP B 5 2.58 -11.50 -18.66
N THR B 6 2.34 -12.76 -18.36
CA THR B 6 1.08 -13.40 -18.70
C THR B 6 0.32 -13.77 -17.43
N VAL B 7 -0.77 -13.07 -17.16
CA VAL B 7 -1.72 -13.39 -16.04
C VAL B 7 -2.85 -14.23 -16.61
N ASP B 8 -3.46 -15.05 -15.77
CA ASP B 8 -4.42 -16.05 -16.27
C ASP B 8 -5.80 -15.89 -15.63
N ILE B 9 -6.84 -15.89 -16.48
CA ILE B 9 -8.23 -15.60 -16.05
C ILE B 9 -8.73 -16.55 -14.99
N PRO B 10 -9.42 -16.02 -13.97
CA PRO B 10 -9.86 -16.86 -12.87
C PRO B 10 -10.92 -17.85 -13.31
N ILE B 11 -10.48 -19.05 -13.69
CA ILE B 11 -11.36 -20.15 -14.18
C ILE B 11 -12.49 -19.68 -15.10
N PRO B 18 -20.21 -15.14 -4.52
CA PRO B 18 -20.97 -14.39 -3.50
C PRO B 18 -21.78 -13.22 -4.13
N PRO B 19 -23.10 -13.46 -4.38
CA PRO B 19 -23.88 -12.61 -5.29
C PRO B 19 -24.37 -11.28 -4.67
N LEU B 20 -24.66 -10.34 -5.55
CA LEU B 20 -25.09 -9.02 -5.13
C LEU B 20 -26.48 -9.14 -4.61
N PRO B 21 -26.83 -8.29 -3.63
CA PRO B 21 -28.23 -8.11 -3.29
C PRO B 21 -29.05 -7.71 -4.52
N THR B 22 -30.21 -8.30 -4.69
CA THR B 22 -30.95 -8.11 -5.92
C THR B 22 -31.05 -6.62 -6.28
N ASP B 23 -31.32 -5.80 -5.28
CA ASP B 23 -31.55 -4.36 -5.48
C ASP B 23 -30.36 -3.68 -6.13
N LEU B 24 -29.16 -3.93 -5.63
CA LEU B 24 -27.97 -3.26 -6.14
C LEU B 24 -27.58 -3.78 -7.52
N ARG B 25 -27.94 -5.04 -7.79
CA ARG B 25 -27.68 -5.64 -9.10
C ARG B 25 -28.51 -4.93 -10.16
N THR B 26 -29.79 -4.80 -9.86
CA THR B 26 -30.72 -4.16 -10.77
C THR B 26 -30.30 -2.74 -11.05
N ARG B 27 -29.98 -2.01 -9.99
CA ARG B 27 -29.59 -0.60 -10.14
C ARG B 27 -28.33 -0.47 -10.96
N LEU B 28 -27.31 -1.22 -10.57
CA LEU B 28 -26.04 -1.17 -11.29
C LEU B 28 -26.25 -1.50 -12.76
N ASP B 29 -27.11 -2.48 -13.04
CA ASP B 29 -27.39 -2.89 -14.42
C ASP B 29 -28.19 -1.88 -15.20
N ALA B 30 -29.15 -1.27 -14.55
CA ALA B 30 -29.90 -0.15 -15.13
C ALA B 30 -28.99 1.05 -15.45
N ALA B 31 -27.96 1.25 -14.64
CA ALA B 31 -27.06 2.40 -14.81
C ALA B 31 -26.21 2.20 -16.03
N LEU B 32 -25.64 1.01 -16.12
CA LEU B 32 -24.71 0.71 -17.21
C LEU B 32 -25.43 0.56 -18.54
N ALA B 33 -26.72 0.20 -18.48
CA ALA B 33 -27.56 0.11 -19.65
C ALA B 33 -27.67 1.46 -20.36
N LYS B 34 -27.70 2.54 -19.59
CA LYS B 34 -27.72 3.89 -20.13
C LYS B 34 -26.56 4.15 -21.09
N PRO B 35 -26.75 5.11 -22.01
CA PRO B 35 -25.71 5.45 -22.95
C PRO B 35 -24.53 6.09 -22.27
N ALA B 36 -23.32 5.73 -22.70
CA ALA B 36 -22.07 6.16 -22.07
C ALA B 36 -21.16 6.87 -23.06
N ALA B 37 -20.75 8.08 -22.73
CA ALA B 37 -19.84 8.83 -23.60
C ALA B 37 -18.36 8.45 -23.39
N GLN B 38 -17.59 8.59 -24.44
CA GLN B 38 -16.14 8.50 -24.32
C GLN B 38 -15.61 7.18 -23.82
N GLN B 39 -16.34 6.10 -23.99
CA GLN B 39 -15.79 4.81 -23.61
C GLN B 39 -14.89 4.31 -24.73
N PRO B 40 -14.04 3.33 -24.43
CA PRO B 40 -13.13 2.70 -25.41
C PRO B 40 -13.86 1.76 -26.33
N THR B 41 -13.32 1.50 -27.51
CA THR B 41 -14.05 0.68 -28.48
C THR B 41 -13.43 -0.69 -28.70
N TRP B 42 -13.05 -1.35 -27.64
CA TRP B 42 -12.53 -2.70 -27.76
C TRP B 42 -13.69 -3.69 -27.61
N PRO B 43 -13.45 -4.96 -27.89
CA PRO B 43 -14.53 -5.94 -27.86
C PRO B 43 -14.96 -6.34 -26.46
N ALA B 44 -16.27 -6.50 -26.26
CA ALA B 44 -16.80 -6.86 -24.94
C ALA B 44 -16.33 -8.23 -24.46
N ASP B 45 -16.25 -9.18 -25.38
CA ASP B 45 -15.73 -10.50 -25.03
C ASP B 45 -14.39 -10.43 -24.29
N GLN B 46 -13.58 -9.42 -24.63
CA GLN B 46 -12.23 -9.31 -24.10
C GLN B 46 -12.27 -8.45 -22.86
N ALA B 47 -13.07 -7.40 -22.92
CA ALA B 47 -13.26 -6.58 -21.75
C ALA B 47 -13.84 -7.44 -20.61
N LEU B 48 -14.72 -8.39 -20.97
CA LEU B 48 -15.34 -9.25 -19.95
C LEU B 48 -14.27 -10.06 -19.21
N ALA B 49 -13.27 -10.50 -19.95
CA ALA B 49 -12.20 -11.30 -19.39
C ALA B 49 -11.36 -10.46 -18.41
N MET B 50 -10.99 -9.26 -18.83
CA MET B 50 -10.19 -8.39 -17.97
C MET B 50 -10.97 -8.06 -16.72
N ARG B 51 -12.27 -7.80 -16.88
CA ARG B 51 -13.09 -7.45 -15.73
C ARG B 51 -13.12 -8.60 -14.73
N THR B 52 -13.20 -9.81 -15.25
CA THR B 52 -13.15 -10.97 -14.38
C THR B 52 -11.90 -11.06 -13.51
N VAL B 53 -10.74 -10.89 -14.15
CA VAL B 53 -9.44 -10.84 -13.46
C VAL B 53 -9.43 -9.79 -12.35
N LEU B 54 -9.85 -8.60 -12.74
CA LEU B 54 -9.91 -7.47 -11.86
C LEU B 54 -10.94 -7.69 -10.76
N GLU B 55 -12.01 -8.40 -11.06
CA GLU B 55 -13.14 -8.41 -10.13
C GLU B 55 -12.77 -9.03 -8.80
N SER B 56 -11.74 -9.86 -8.79
CA SER B 56 -11.23 -10.39 -7.53
C SER B 56 -9.72 -10.17 -7.34
N VAL B 57 -9.30 -8.93 -7.50
CA VAL B 57 -7.95 -8.52 -7.14
C VAL B 57 -8.05 -7.73 -5.84
N PRO B 58 -6.92 -7.56 -5.13
CA PRO B 58 -6.86 -6.68 -3.96
C PRO B 58 -7.21 -5.23 -4.31
N PRO B 59 -8.09 -4.60 -3.52
CA PRO B 59 -8.57 -3.27 -3.79
C PRO B 59 -7.52 -2.22 -3.58
N VAL B 60 -7.65 -1.09 -4.25
CA VAL B 60 -6.69 -0.05 -4.05
C VAL B 60 -7.00 0.65 -2.75
N THR B 61 -8.27 0.86 -2.43
CA THR B 61 -8.66 1.50 -1.18
C THR B 61 -9.74 0.68 -0.48
N VAL B 62 -10.03 1.00 0.77
CA VAL B 62 -11.03 0.22 1.54
C VAL B 62 -12.14 1.07 2.17
N PRO B 63 -13.36 0.53 2.24
CA PRO B 63 -14.50 1.37 2.62
C PRO B 63 -14.23 2.26 3.83
N SER B 64 -13.63 1.70 4.86
CA SER B 64 -13.39 2.45 6.06
C SER B 64 -12.69 3.79 5.78
N GLU B 65 -11.73 3.79 4.86
CA GLU B 65 -11.02 5.02 4.50
C GLU B 65 -11.93 5.96 3.76
N ILE B 66 -12.77 5.40 2.89
CA ILE B 66 -13.73 6.16 2.11
C ILE B 66 -14.77 6.84 2.98
N VAL B 67 -15.23 6.14 4.01
CA VAL B 67 -16.16 6.71 4.99
C VAL B 67 -15.49 7.81 5.80
N ARG B 68 -14.23 7.59 6.19
CA ARG B 68 -13.48 8.60 6.92
C ARG B 68 -13.26 9.82 6.06
N LEU B 69 -12.99 9.62 4.79
CA LEU B 69 -12.93 10.74 3.86
C LEU B 69 -14.23 11.47 3.88
N GLN B 70 -15.32 10.73 3.84
CA GLN B 70 -16.63 11.33 3.70
C GLN B 70 -16.87 12.29 4.86
N GLU B 71 -16.38 11.95 6.04
CA GLU B 71 -16.55 12.81 7.21
C GLU B 71 -15.69 14.03 7.11
N GLN B 72 -14.46 13.85 6.66
CA GLN B 72 -13.54 14.96 6.55
C GLN B 72 -14.05 15.98 5.53
N LEU B 73 -14.61 15.46 4.42
CA LEU B 73 -15.18 16.27 3.35
C LEU B 73 -16.35 17.12 3.83
N ALA B 74 -17.17 16.56 4.72
CA ALA B 74 -18.26 17.31 5.33
C ALA B 74 -17.71 18.57 5.95
N GLN B 75 -16.75 18.41 6.85
CA GLN B 75 -16.14 19.56 7.52
C GLN B 75 -15.75 20.56 6.49
N VAL B 76 -15.24 20.08 5.36
CA VAL B 76 -14.87 20.98 4.27
C VAL B 76 -16.10 21.63 3.68
N ALA B 77 -17.13 20.83 3.48
CA ALA B 77 -18.37 21.29 2.89
C ALA B 77 -19.06 22.26 3.81
N LYS B 78 -18.92 22.03 5.10
CA LYS B 78 -19.55 22.87 6.09
C LYS B 78 -18.77 24.14 6.26
N GLY B 79 -17.62 24.24 5.61
CA GLY B 79 -16.81 25.45 5.72
C GLY B 79 -15.92 25.53 6.95
N GLU B 80 -15.48 24.37 7.40
CA GLU B 80 -14.52 24.31 8.48
C GLU B 80 -13.24 23.60 8.07
N ALA B 81 -13.15 23.22 6.81
CA ALA B 81 -11.91 22.70 6.31
C ALA B 81 -11.78 23.13 4.87
N PHE B 82 -10.68 22.72 4.25
CA PHE B 82 -10.36 23.10 2.87
C PHE B 82 -9.90 21.92 2.02
N LEU B 83 -10.19 21.95 0.73
CA LEU B 83 -9.94 20.81 -0.12
C LEU B 83 -8.82 21.13 -1.03
N LEU B 84 -7.76 20.34 -0.96
CA LEU B 84 -6.65 20.49 -1.89
C LEU B 84 -6.54 19.23 -2.69
N GLN B 85 -7.02 19.28 -3.93
CA GLN B 85 -6.95 18.11 -4.79
C GLN B 85 -5.97 18.45 -5.89
N GLY B 86 -5.01 17.56 -6.13
CA GLY B 86 -3.97 17.84 -7.11
C GLY B 86 -2.96 16.74 -7.34
N GLY B 87 -2.36 16.75 -8.53
CA GLY B 87 -1.38 15.75 -8.88
C GLY B 87 -1.14 15.83 -10.36
N ASP B 88 -0.68 14.71 -10.94
CA ASP B 88 -0.43 14.65 -12.38
C ASP B 88 -1.66 14.95 -13.20
N CYS B 89 -1.44 15.55 -14.36
CA CYS B 89 -2.51 15.75 -15.32
C CYS B 89 -2.94 14.38 -15.80
N ALA B 90 -1.94 13.54 -16.12
CA ALA B 90 -2.19 12.20 -16.65
C ALA B 90 -1.11 11.21 -16.28
N GLU B 91 -1.38 10.35 -15.29
CA GLU B 91 -0.42 9.30 -14.91
C GLU B 91 -0.06 8.48 -16.12
N THR B 92 1.22 8.20 -16.29
CA THR B 92 1.68 7.33 -17.37
C THR B 92 2.30 6.07 -16.75
N PHE B 93 2.15 4.94 -17.41
CA PHE B 93 2.78 3.73 -16.91
C PHE B 93 4.29 3.91 -16.85
N MET B 94 4.82 4.73 -17.76
CA MET B 94 6.28 4.90 -17.91
C MET B 94 6.90 5.70 -16.77
N ASP B 95 6.14 6.64 -16.22
CA ASP B 95 6.63 7.44 -15.11
C ASP B 95 6.18 6.92 -13.76
N ASN B 96 5.57 5.73 -13.74
CA ASN B 96 5.05 5.16 -12.50
C ASN B 96 6.22 4.70 -11.62
N THR B 97 7.09 5.64 -11.27
CA THR B 97 8.35 5.35 -10.63
C THR B 97 8.48 6.01 -9.28
N GLU B 98 9.37 5.49 -8.47
CA GLU B 98 9.49 5.92 -7.09
C GLU B 98 9.76 7.40 -6.98
N PRO B 99 10.64 7.93 -7.84
CA PRO B 99 10.93 9.35 -7.77
C PRO B 99 9.75 10.21 -8.18
N HIS B 100 9.05 9.79 -9.22
CA HIS B 100 7.90 10.54 -9.71
C HIS B 100 6.81 10.64 -8.65
N ILE B 101 6.56 9.52 -7.99
CA ILE B 101 5.49 9.42 -7.02
C ILE B 101 5.87 10.20 -5.77
N ARG B 102 7.15 10.12 -5.41
CA ARG B 102 7.66 10.88 -4.29
C ARG B 102 7.67 12.35 -4.67
N GLY B 103 7.63 12.64 -5.96
CA GLY B 103 7.70 14.01 -6.42
C GLY B 103 6.41 14.70 -6.15
N ASN B 104 5.34 14.04 -6.54
CA ASN B 104 4.00 14.61 -6.53
C ASN B 104 3.49 14.71 -5.13
N VAL B 105 3.98 13.84 -4.26
CA VAL B 105 3.59 13.83 -2.84
C VAL B 105 4.29 14.98 -2.13
N ARG B 106 5.60 15.06 -2.31
CA ARG B 106 6.35 16.19 -1.79
C ARG B 106 5.66 17.46 -2.27
N ALA B 107 5.25 17.48 -3.55
CA ALA B 107 4.67 18.67 -4.16
C ALA B 107 3.34 19.01 -3.52
N LEU B 108 2.51 17.97 -3.38
CA LEU B 108 1.19 18.11 -2.79
C LEU B 108 1.21 18.50 -1.29
N LEU B 109 2.18 18.00 -0.55
CA LEU B 109 2.27 18.30 0.88
C LEU B 109 2.75 19.73 1.11
N GLN B 110 3.68 20.18 0.29
CA GLN B 110 4.17 21.53 0.43
C GLN B 110 3.05 22.54 0.22
N MET B 111 2.10 22.21 -0.66
CA MET B 111 0.94 23.06 -0.86
C MET B 111 0.03 23.01 0.40
N ALA B 112 0.05 21.88 1.06
CA ALA B 112 -0.86 21.67 2.14
C ALA B 112 -0.48 22.50 3.37
N VAL B 113 0.81 22.61 3.68
CA VAL B 113 1.21 23.33 4.88
C VAL B 113 0.87 24.78 4.69
N VAL B 114 1.26 25.34 3.55
CA VAL B 114 1.01 26.75 3.25
C VAL B 114 -0.49 27.04 3.29
N LEU B 115 -1.25 26.26 2.54
CA LEU B 115 -2.68 26.46 2.47
C LEU B 115 -3.31 26.28 3.84
N THR B 116 -2.81 25.32 4.63
CA THR B 116 -3.38 25.07 5.96
C THR B 116 -3.15 26.27 6.83
N TYR B 117 -1.96 26.86 6.74
CA TYR B 117 -1.64 28.04 7.54
C TYR B 117 -2.41 29.22 7.01
N GLY B 118 -2.74 29.18 5.74
CA GLY B 118 -3.54 30.25 5.16
C GLY B 118 -4.97 30.20 5.66
N ALA B 119 -5.61 29.04 5.49
CA ALA B 119 -7.03 28.92 5.77
C ALA B 119 -7.27 28.84 7.26
N SER B 120 -6.21 28.59 8.00
CA SER B 120 -6.31 28.51 9.45
C SER B 120 -7.34 27.46 9.79
N MET B 121 -7.33 26.39 8.99
CA MET B 121 -8.17 25.20 9.20
C MET B 121 -7.63 24.04 8.33
N PRO B 122 -7.97 22.78 8.70
CA PRO B 122 -7.40 21.59 8.07
C PRO B 122 -7.59 21.57 6.58
N VAL B 123 -6.64 21.02 5.84
CA VAL B 123 -6.74 20.87 4.41
C VAL B 123 -6.83 19.39 4.09
N VAL B 124 -7.79 18.99 3.28
CA VAL B 124 -7.87 17.60 2.89
C VAL B 124 -7.01 17.40 1.65
N LYS B 125 -6.23 16.32 1.66
CA LYS B 125 -5.22 16.10 0.63
C LYS B 125 -5.65 14.97 -0.31
N VAL B 126 -6.11 15.34 -1.50
CA VAL B 126 -6.49 14.34 -2.47
C VAL B 126 -5.61 14.45 -3.70
N ALA B 127 -4.79 13.44 -3.94
CA ALA B 127 -3.92 13.49 -5.09
C ALA B 127 -4.59 12.84 -6.26
N ARG B 128 -4.36 13.42 -7.44
CA ARG B 128 -4.66 12.75 -8.69
C ARG B 128 -3.60 11.70 -8.92
N ILE B 129 -3.94 10.44 -8.64
CA ILE B 129 -2.94 9.37 -8.55
C ILE B 129 -3.58 7.97 -8.36
N ALA B 130 -2.82 6.94 -8.65
CA ALA B 130 -3.29 5.56 -8.47
C ALA B 130 -4.52 5.27 -9.34
N GLY B 131 -4.46 5.72 -10.58
CA GLY B 131 -5.50 5.41 -11.54
C GLY B 131 -5.99 6.56 -12.39
N GLN B 132 -5.24 7.65 -12.48
CA GLN B 132 -5.57 8.70 -13.44
C GLN B 132 -4.97 8.37 -14.83
N TYR B 133 -5.47 7.28 -15.40
CA TYR B 133 -4.87 6.72 -16.60
C TYR B 133 -5.75 6.83 -17.84
N ALA B 134 -6.88 7.51 -17.75
CA ALA B 134 -7.77 7.58 -18.89
C ALA B 134 -8.37 8.95 -18.97
N LYS B 135 -8.08 9.65 -20.06
CA LYS B 135 -8.67 10.96 -20.33
C LYS B 135 -9.60 10.95 -21.55
N PRO B 136 -10.56 11.89 -21.55
CA PRO B 136 -11.46 12.07 -22.66
C PRO B 136 -10.92 13.02 -23.71
N ARG B 137 -11.48 12.91 -24.92
CA ARG B 137 -11.05 13.72 -26.05
C ARG B 137 -12.25 14.13 -26.88
N SER B 138 -12.14 15.27 -27.57
CA SER B 138 -13.23 15.75 -28.38
C SER B 138 -13.22 15.05 -29.68
N ALA B 139 -12.14 15.20 -30.44
CA ALA B 139 -12.02 14.57 -31.77
C ALA B 139 -11.43 13.17 -31.63
N ASP B 140 -11.95 12.21 -32.40
CA ASP B 140 -11.44 10.85 -32.34
C ASP B 140 -10.12 10.74 -33.10
N ILE B 141 -9.97 11.51 -34.17
CA ILE B 141 -8.67 11.65 -34.86
C ILE B 141 -7.99 12.93 -34.43
N ASP B 142 -6.68 12.89 -34.30
CA ASP B 142 -5.97 14.00 -33.70
C ASP B 142 -5.13 14.70 -34.75
N ALA B 143 -4.28 15.63 -34.29
CA ALA B 143 -3.56 16.59 -35.15
C ALA B 143 -2.64 15.92 -36.20
N LEU B 144 -2.29 14.66 -35.97
CA LEU B 144 -1.32 14.00 -36.83
C LEU B 144 -1.98 13.00 -37.76
N GLY B 145 -3.29 12.82 -37.60
CA GLY B 145 -4.08 11.90 -38.42
C GLY B 145 -4.21 10.51 -37.81
N LEU B 146 -3.94 10.43 -36.49
CA LEU B 146 -3.98 9.17 -35.73
C LEU B 146 -5.19 9.14 -34.80
N ARG B 147 -5.62 7.96 -34.42
CA ARG B 147 -6.62 7.85 -33.37
C ARG B 147 -6.05 8.55 -32.14
N SER B 148 -6.84 9.40 -31.51
CA SER B 148 -6.40 10.14 -30.34
C SER B 148 -5.89 9.24 -29.22
N TYR B 149 -4.94 9.77 -28.47
CA TYR B 149 -4.40 9.08 -27.29
C TYR B 149 -5.34 9.35 -26.16
N ARG B 150 -5.79 8.30 -25.48
CA ARG B 150 -6.82 8.47 -24.49
C ARG B 150 -6.38 8.01 -23.10
N GLY B 151 -5.07 7.98 -22.87
CA GLY B 151 -4.50 7.55 -21.60
C GLY B 151 -4.01 6.12 -21.69
N ASP B 152 -2.98 5.79 -20.92
CA ASP B 152 -2.38 4.45 -20.96
C ASP B 152 -3.32 3.29 -20.63
N MET B 153 -4.43 3.59 -19.95
CA MET B 153 -5.44 2.58 -19.68
C MET B 153 -6.16 2.11 -20.97
N ILE B 154 -6.18 2.96 -22.01
CA ILE B 154 -6.90 2.66 -23.26
C ILE B 154 -5.96 2.34 -24.47
N ASN B 155 -5.05 3.27 -24.74
CA ASN B 155 -4.09 3.10 -25.81
C ASN B 155 -2.76 3.71 -25.42
N GLY B 156 -1.86 3.89 -26.40
CA GLY B 156 -0.49 4.35 -26.12
C GLY B 156 -0.13 5.72 -26.67
N PHE B 157 0.81 6.39 -26.02
CA PHE B 157 1.22 7.74 -26.45
C PHE B 157 1.94 7.72 -27.78
N ALA B 158 2.78 6.71 -27.98
CA ALA B 158 3.55 6.55 -29.21
C ALA B 158 2.73 7.01 -30.42
N PRO B 159 3.30 7.86 -31.28
CA PRO B 159 2.55 8.34 -32.42
C PRO B 159 2.56 7.37 -33.57
N ASP B 160 1.86 6.25 -33.43
CA ASP B 160 1.63 5.32 -34.57
C ASP B 160 0.32 4.55 -34.37
N ALA B 161 -0.33 4.18 -35.46
CA ALA B 161 -1.65 3.56 -35.36
C ALA B 161 -1.59 2.32 -34.51
N ALA B 162 -0.48 1.59 -34.60
CA ALA B 162 -0.36 0.33 -33.91
C ALA B 162 -0.60 0.54 -32.43
N ALA B 163 0.14 1.47 -31.85
CA ALA B 163 0.07 1.78 -30.41
C ALA B 163 -1.27 2.39 -29.97
N ARG B 164 -2.01 2.96 -30.91
CA ARG B 164 -3.27 3.64 -30.62
C ARG B 164 -4.48 2.69 -30.65
N GLU B 165 -4.25 1.44 -31.01
CA GLU B 165 -5.34 0.50 -31.04
C GLU B 165 -5.80 0.21 -29.61
N HIS B 166 -7.09 0.35 -29.35
CA HIS B 166 -7.58 0.25 -27.98
C HIS B 166 -7.31 -1.15 -27.51
N ASP B 167 -6.65 -1.31 -26.37
CA ASP B 167 -6.25 -2.65 -25.88
C ASP B 167 -6.80 -3.00 -24.50
N PRO B 168 -7.66 -4.02 -24.41
CA PRO B 168 -8.25 -4.41 -23.13
C PRO B 168 -7.22 -4.77 -22.06
N SER B 169 -6.11 -5.34 -22.47
CA SER B 169 -5.10 -5.72 -21.52
C SER B 169 -4.74 -4.53 -20.62
N ARG B 170 -4.83 -3.33 -21.18
CA ARG B 170 -4.41 -2.12 -20.43
C ARG B 170 -5.27 -1.85 -19.22
N LEU B 171 -6.39 -2.56 -19.07
CA LEU B 171 -7.24 -2.48 -17.86
C LEU B 171 -6.52 -3.07 -16.68
N VAL B 172 -5.92 -4.25 -16.87
CA VAL B 172 -5.18 -4.93 -15.82
C VAL B 172 -3.86 -4.20 -15.54
N ARG B 173 -3.16 -3.83 -16.60
N ARG B 173 -3.15 -3.84 -16.60
CA ARG B 173 -1.88 -3.12 -16.48
CA ARG B 173 -1.87 -3.11 -16.49
C ARG B 173 -2.10 -1.83 -15.72
C ARG B 173 -2.11 -1.84 -15.71
N ALA B 174 -3.28 -1.24 -15.89
CA ALA B 174 -3.63 0.00 -15.20
C ALA B 174 -3.77 -0.22 -13.69
N TYR B 175 -4.41 -1.34 -13.31
CA TYR B 175 -4.54 -1.69 -11.90
C TYR B 175 -3.19 -2.02 -11.24
N ALA B 176 -2.41 -2.87 -11.90
CA ALA B 176 -1.10 -3.27 -11.39
C ALA B 176 -0.32 -2.02 -10.98
N ASN B 177 -0.30 -1.05 -11.87
CA ASN B 177 0.46 0.14 -11.66
C ASN B 177 -0.18 0.96 -10.55
N ALA B 178 -1.50 1.08 -10.61
CA ALA B 178 -2.21 1.90 -9.63
C ALA B 178 -1.97 1.37 -8.23
N SER B 179 -2.07 0.07 -8.05
CA SER B 179 -2.01 -0.45 -6.69
C SER B 179 -0.61 -0.37 -6.20
N ALA B 180 0.34 -0.33 -7.12
CA ALA B 180 1.74 -0.27 -6.73
C ALA B 180 2.10 1.16 -6.36
N ALA B 181 1.53 2.11 -7.07
CA ALA B 181 1.74 3.48 -6.74
C ALA B 181 1.07 3.74 -5.40
N MET B 182 -0.03 3.08 -5.14
CA MET B 182 -0.80 3.39 -3.95
C MET B 182 -0.11 2.82 -2.75
N ASN B 183 0.68 1.78 -2.95
CA ASN B 183 1.39 1.18 -1.82
C ASN B 183 2.52 2.12 -1.33
N LEU B 184 3.14 2.80 -2.29
CA LEU B 184 4.23 3.69 -2.01
C LEU B 184 3.72 4.90 -1.29
N VAL B 185 2.57 5.41 -1.75
CA VAL B 185 1.99 6.62 -1.16
C VAL B 185 1.60 6.34 0.28
N ARG B 186 1.14 5.13 0.54
CA ARG B 186 0.87 4.73 1.93
C ARG B 186 2.17 4.69 2.70
N ALA B 187 3.20 4.16 2.07
CA ALA B 187 4.50 3.97 2.71
C ALA B 187 5.12 5.30 3.00
N LEU B 188 4.98 6.20 2.04
CA LEU B 188 5.55 7.53 2.13
C LEU B 188 4.89 8.40 3.20
N THR B 189 3.56 8.46 3.18
CA THR B 189 2.86 9.36 4.08
C THR B 189 3.01 8.95 5.52
N SER B 190 3.24 7.66 5.74
CA SER B 190 3.36 7.13 7.10
C SER B 190 4.81 7.06 7.56
N SER B 191 5.75 7.20 6.63
CA SER B 191 7.17 7.47 6.96
C SER B 191 7.36 8.94 7.44
N GLY B 192 8.62 9.35 7.59
CA GLY B 192 8.94 10.73 7.96
C GLY B 192 8.87 11.65 6.76
N LEU B 193 8.47 11.12 5.61
CA LEU B 193 8.37 11.93 4.42
C LEU B 193 7.32 13.02 4.62
N ALA B 194 6.42 12.76 5.57
CA ALA B 194 5.26 13.60 5.81
C ALA B 194 5.36 14.35 7.13
N SER B 195 6.55 14.42 7.72
CA SER B 195 6.68 15.19 8.94
C SER B 195 6.43 16.63 8.57
N LEU B 196 5.74 17.35 9.41
CA LEU B 196 5.37 18.69 9.07
C LEU B 196 6.58 19.58 8.78
N HIS B 197 7.68 19.37 9.49
CA HIS B 197 8.80 20.31 9.38
C HIS B 197 9.84 19.91 8.37
N LEU B 198 9.91 18.61 8.07
CA LEU B 198 10.76 18.14 7.00
C LEU B 198 10.16 18.63 5.70
N VAL B 199 8.87 18.94 5.74
CA VAL B 199 8.14 19.43 4.55
C VAL B 199 8.33 20.94 4.38
N HIS B 200 8.36 21.67 5.48
CA HIS B 200 8.49 23.13 5.39
C HIS B 200 9.93 23.53 5.21
N ASP B 201 10.85 22.61 5.43
CA ASP B 201 12.24 22.89 5.08
C ASP B 201 12.31 23.18 3.57
N TRP B 202 11.63 22.33 2.81
CA TRP B 202 11.58 22.46 1.36
C TRP B 202 11.02 23.80 0.91
N ASN B 203 10.02 24.30 1.62
CA ASN B 203 9.40 25.54 1.23
C ASN B 203 10.35 26.70 1.45
N ARG B 204 11.10 26.66 2.55
CA ARG B 204 12.09 27.71 2.86
C ARG B 204 13.30 27.58 1.95
N GLU B 205 13.51 26.38 1.43
CA GLU B 205 14.50 26.09 0.37
C GLU B 205 14.07 26.75 -0.94
N PHE B 206 12.88 26.42 -1.40
CA PHE B 206 12.30 27.06 -2.57
C PHE B 206 12.39 28.57 -2.47
N VAL B 207 12.15 29.09 -1.27
CA VAL B 207 12.05 30.53 -1.04
C VAL B 207 13.38 31.26 -1.11
N ARG B 208 14.48 30.57 -0.82
CA ARG B 208 15.82 31.15 -1.01
C ARG B 208 16.28 31.02 -2.47
N THR B 209 16.06 29.86 -3.06
CA THR B 209 16.56 29.58 -4.42
C THR B 209 15.68 30.20 -5.51
N SER B 210 14.38 30.34 -5.25
CA SER B 210 13.48 30.90 -6.24
C SER B 210 13.91 32.33 -6.59
N PRO B 211 13.92 32.65 -7.89
CA PRO B 211 14.11 34.03 -8.29
C PRO B 211 12.95 34.86 -7.78
N ALA B 212 11.73 34.32 -7.92
CA ALA B 212 10.50 34.97 -7.47
C ALA B 212 10.08 34.47 -6.08
N GLY B 213 11.02 34.54 -5.13
CA GLY B 213 10.80 34.10 -3.74
C GLY B 213 10.61 35.25 -2.78
N ALA B 214 11.18 36.42 -3.11
CA ALA B 214 11.07 37.62 -2.29
C ALA B 214 9.66 37.72 -1.72
N ARG B 215 8.69 37.52 -2.60
CA ARG B 215 7.29 37.73 -2.29
C ARG B 215 6.82 36.95 -1.07
N TYR B 216 7.28 35.72 -1.02
CA TYR B 216 6.79 34.76 -0.07
C TYR B 216 7.73 34.64 1.13
N GLU B 217 8.93 35.18 0.99
CA GLU B 217 9.88 35.21 2.09
C GLU B 217 9.08 35.51 3.36
N ALA B 218 8.19 36.49 3.24
CA ALA B 218 7.31 36.94 4.32
C ALA B 218 6.58 35.77 4.94
N LEU B 219 5.58 35.28 4.22
CA LEU B 219 4.69 34.24 4.73
C LEU B 219 5.48 33.00 5.15
N ALA B 220 6.38 32.55 4.29
CA ALA B 220 7.18 31.38 4.59
C ALA B 220 7.90 31.49 5.93
N THR B 221 8.19 32.71 6.36
CA THR B 221 8.83 32.91 7.66
C THR B 221 7.78 32.79 8.77
N GLU B 222 6.67 33.48 8.59
CA GLU B 222 5.58 33.46 9.53
C GLU B 222 5.10 32.06 9.82
N ILE B 223 5.12 31.22 8.78
CA ILE B 223 4.66 29.84 8.89
C ILE B 223 5.67 29.03 9.68
N ASP B 224 6.95 29.34 9.51
CA ASP B 224 7.98 28.61 10.21
C ASP B 224 7.90 28.95 11.67
N ARG B 225 7.44 30.16 11.96
CA ARG B 225 7.28 30.55 13.36
C ARG B 225 6.05 29.91 13.96
N GLY B 226 5.02 29.71 13.16
CA GLY B 226 3.87 28.95 13.62
C GLY B 226 4.26 27.53 13.92
N LEU B 227 5.16 26.98 13.14
CA LEU B 227 5.64 25.65 13.40
C LEU B 227 6.46 25.60 14.68
N ARG B 228 7.56 26.33 14.70
CA ARG B 228 8.42 26.37 15.87
C ARG B 228 7.65 26.74 17.14
N PHE B 229 6.58 27.52 17.00
CA PHE B 229 5.73 27.86 18.13
C PHE B 229 5.00 26.65 18.67
N MET B 230 4.52 25.78 17.80
CA MET B 230 3.74 24.64 18.30
C MET B 230 4.67 23.56 18.84
N SER B 231 5.91 23.58 18.41
CA SER B 231 6.92 22.76 19.05
C SER B 231 7.24 23.36 20.41
N ALA B 232 7.11 24.67 20.53
CA ALA B 232 7.40 25.33 21.81
C ALA B 232 6.37 24.96 22.83
N CYS B 233 5.10 24.98 22.43
CA CYS B 233 4.02 24.75 23.38
C CYS B 233 3.97 23.27 23.73
N GLY B 234 4.98 22.53 23.34
CA GLY B 234 5.13 21.15 23.80
C GLY B 234 4.25 20.19 23.04
N VAL B 235 4.34 20.22 21.72
N VAL B 235 4.34 20.27 21.72
CA VAL B 235 3.55 19.32 20.90
CA VAL B 235 3.49 19.49 20.84
C VAL B 235 4.43 18.51 19.94
C VAL B 235 4.22 19.08 19.55
N ALA B 236 4.63 17.24 20.30
N ALA B 236 5.42 18.53 19.70
CA ALA B 236 5.51 16.33 19.56
CA ALA B 236 6.06 17.78 18.60
C ALA B 236 4.82 15.83 18.32
C ALA B 236 5.42 16.39 18.60
N ASP B 237 5.57 15.63 17.23
N ASP B 237 4.21 16.32 18.04
CA ASP B 237 4.99 15.04 16.01
CA ASP B 237 3.33 15.15 18.18
C ASP B 237 4.14 13.83 16.41
C ASP B 237 3.31 14.23 16.96
N ARG B 238 4.54 13.15 17.48
N ARG B 238 2.72 13.05 17.13
CA ARG B 238 3.77 12.03 18.05
CA ARG B 238 2.67 12.01 16.09
C ARG B 238 2.36 12.50 18.41
C ARG B 238 1.89 12.52 14.89
N ASN B 239 2.26 13.77 18.83
N ASN B 239 0.92 13.37 15.16
CA ASN B 239 1.00 14.39 19.22
CA ASN B 239 0.10 13.99 14.12
C ASN B 239 0.22 14.96 18.03
C ASN B 239 0.99 14.85 13.21
N LEU B 240 0.58 14.50 16.82
N LEU B 240 1.99 15.50 13.80
CA LEU B 240 -0.12 14.93 15.60
CA LEU B 240 2.93 16.31 13.04
C LEU B 240 -0.77 13.75 14.88
C LEU B 240 3.81 15.40 12.19
N GLN B 241 -1.74 14.08 14.01
N GLN B 241 3.96 14.16 12.61
CA GLN B 241 -2.45 13.08 13.24
CA GLN B 241 4.89 13.23 11.98
C GLN B 241 -1.48 12.52 12.22
C GLN B 241 4.40 12.66 10.65
N THR B 242 -1.55 11.22 11.93
N THR B 242 3.08 12.62 10.45
CA THR B 242 -0.72 10.67 10.90
CA THR B 242 2.52 12.01 9.26
C THR B 242 -1.25 11.17 9.55
C THR B 242 1.19 12.63 8.86
N ALA B 243 -0.34 11.58 8.67
N ALA B 243 0.90 12.59 7.57
CA ALA B 243 -0.71 12.28 7.43
CA ALA B 243 -0.36 13.13 7.04
C ALA B 243 -1.41 11.39 6.39
C ALA B 243 -1.09 12.02 6.29
N GLU B 244 -2.51 11.90 5.85
N GLU B 244 -2.22 12.34 5.64
CA GLU B 244 -3.36 11.13 4.95
CA GLU B 244 -3.00 11.32 4.94
C GLU B 244 -3.56 11.76 3.57
C GLU B 244 -3.43 11.80 3.58
N ILE B 245 -3.14 11.01 2.55
CA ILE B 245 -3.38 11.40 1.17
C ILE B 245 -4.34 10.39 0.55
N TYR B 246 -5.50 10.91 0.13
CA TYR B 246 -6.48 10.09 -0.55
C TYR B 246 -6.24 10.06 -2.09
N ALA B 247 -6.68 8.97 -2.70
CA ALA B 247 -6.51 8.76 -4.12
C ALA B 247 -7.79 9.09 -4.89
N SER B 248 -7.62 9.46 -6.16
CA SER B 248 -8.75 9.86 -7.00
C SER B 248 -8.41 9.85 -8.44
N HIS B 249 -9.42 9.81 -9.28
CA HIS B 249 -9.23 9.98 -10.71
C HIS B 249 -10.58 10.16 -11.40
N GLU B 250 -10.60 10.62 -12.65
CA GLU B 250 -11.86 10.79 -13.37
C GLU B 250 -12.45 9.43 -13.65
N ALA B 251 -13.65 9.19 -13.18
CA ALA B 251 -14.32 7.93 -13.45
C ALA B 251 -14.81 8.02 -14.87
N LEU B 252 -13.96 7.51 -15.76
CA LEU B 252 -14.25 7.54 -17.18
C LEU B 252 -14.49 6.13 -17.70
N VAL B 253 -13.49 5.27 -17.59
CA VAL B 253 -13.64 3.93 -18.15
C VAL B 253 -14.51 3.07 -17.23
N LEU B 254 -15.76 2.86 -17.67
CA LEU B 254 -16.75 2.15 -16.88
C LEU B 254 -16.48 0.67 -16.85
N ASP B 255 -15.71 0.19 -17.80
CA ASP B 255 -15.29 -1.20 -17.71
C ASP B 255 -14.41 -1.37 -16.46
N TYR B 256 -13.41 -0.50 -16.34
CA TYR B 256 -12.49 -0.49 -15.19
C TYR B 256 -13.23 -0.19 -13.87
N GLU B 257 -14.04 0.86 -13.87
CA GLU B 257 -14.60 1.36 -12.64
C GLU B 257 -15.52 0.34 -12.00
N ARG B 258 -16.25 -0.39 -12.83
CA ARG B 258 -17.24 -1.35 -12.33
C ARG B 258 -16.57 -2.58 -11.79
N ALA B 259 -15.48 -2.98 -12.44
CA ALA B 259 -14.70 -4.18 -12.08
C ALA B 259 -14.13 -4.02 -10.66
N MET B 260 -13.95 -2.78 -10.24
CA MET B 260 -13.35 -2.49 -8.96
C MET B 260 -14.39 -2.14 -7.93
N LEU B 261 -15.65 -2.43 -8.22
CA LEU B 261 -16.71 -2.22 -7.24
C LEU B 261 -16.63 -3.35 -6.24
N ARG B 262 -16.83 -3.03 -4.96
CA ARG B 262 -16.92 -4.05 -3.95
C ARG B 262 -18.02 -3.65 -2.99
N LEU B 263 -18.68 -4.63 -2.38
CA LEU B 263 -19.84 -4.41 -1.50
C LEU B 263 -19.44 -4.31 -0.03
N SER B 264 -20.00 -3.35 0.72
CA SER B 264 -19.71 -3.17 2.16
C SER B 264 -20.28 -4.29 2.99
N ASP B 265 -19.77 -4.47 4.21
CA ASP B 265 -20.19 -5.60 5.10
C ASP B 265 -21.51 -5.38 5.89
N GLY B 266 -21.59 -4.32 6.69
CA GLY B 266 -22.80 -4.04 7.45
C GLY B 266 -22.67 -3.38 8.83
N ASP B 267 -21.50 -2.80 9.11
CA ASP B 267 -21.33 -1.97 10.33
C ASP B 267 -21.55 -0.46 10.06
N ASP B 268 -22.07 -0.13 8.86
CA ASP B 268 -22.35 1.26 8.46
C ASP B 268 -23.72 1.32 7.81
N GLY B 269 -24.76 1.04 8.59
CA GLY B 269 -26.12 0.92 8.05
C GLY B 269 -26.25 -0.39 7.27
N GLU B 270 -26.59 -0.28 5.99
CA GLU B 270 -26.84 -1.46 5.16
C GLU B 270 -25.67 -1.75 4.23
N PRO B 271 -25.75 -2.85 3.48
CA PRO B 271 -24.65 -3.11 2.54
C PRO B 271 -24.77 -2.27 1.28
N GLN B 272 -23.67 -1.79 0.76
CA GLN B 272 -23.72 -0.93 -0.42
C GLN B 272 -22.43 -0.91 -1.21
N LEU B 273 -22.53 -0.54 -2.46
CA LEU B 273 -21.44 -0.65 -3.37
C LEU B 273 -20.45 0.49 -3.22
N PHE B 274 -19.18 0.09 -3.19
CA PHE B 274 -18.06 1.03 -3.11
C PHE B 274 -17.12 0.81 -4.29
N ASP B 275 -16.75 1.89 -4.95
CA ASP B 275 -15.74 1.85 -5.98
C ASP B 275 -14.39 1.92 -5.30
N LEU B 276 -13.68 0.80 -5.21
CA LEU B 276 -12.39 0.74 -4.54
C LEU B 276 -11.20 0.84 -5.51
N SER B 277 -11.38 1.58 -6.61
CA SER B 277 -10.26 1.94 -7.47
C SER B 277 -9.62 3.22 -6.93
N ALA B 278 -10.36 3.88 -6.04
CA ALA B 278 -9.88 5.07 -5.37
C ALA B 278 -10.79 5.42 -4.17
N HIS B 279 -10.49 6.53 -3.52
CA HIS B 279 -11.34 7.06 -2.44
C HIS B 279 -12.45 7.91 -2.98
N THR B 280 -12.10 8.95 -3.75
CA THR B 280 -13.08 9.84 -4.39
C THR B 280 -12.81 9.85 -5.90
N VAL B 281 -13.86 9.96 -6.70
CA VAL B 281 -13.73 10.08 -8.16
C VAL B 281 -14.74 11.11 -8.65
N TRP B 282 -14.42 11.76 -9.77
CA TRP B 282 -15.29 12.80 -10.30
C TRP B 282 -15.69 12.45 -11.69
N ILE B 283 -16.56 13.25 -12.29
CA ILE B 283 -17.05 13.02 -13.63
C ILE B 283 -16.76 14.25 -14.47
N GLY B 284 -16.28 14.01 -15.68
CA GLY B 284 -15.80 15.09 -16.52
C GLY B 284 -16.89 15.83 -17.27
N GLU B 285 -16.56 17.03 -17.70
CA GLU B 285 -17.40 17.89 -18.54
C GLU B 285 -18.03 17.10 -19.70
N ARG B 286 -17.22 16.27 -20.37
CA ARG B 286 -17.67 15.59 -21.58
C ARG B 286 -18.36 14.24 -21.38
N THR B 287 -18.69 13.90 -20.13
CA THR B 287 -19.32 12.63 -19.79
C THR B 287 -20.38 12.74 -18.69
N ARG B 288 -20.86 13.96 -18.43
CA ARG B 288 -21.76 14.21 -17.32
C ARG B 288 -23.22 14.28 -17.74
N GLN B 289 -23.52 13.79 -18.94
CA GLN B 289 -24.89 13.73 -19.40
C GLN B 289 -25.79 13.36 -18.20
N ILE B 290 -26.79 14.19 -17.93
CA ILE B 290 -27.63 14.04 -16.72
C ILE B 290 -28.30 12.70 -16.62
N ASP B 291 -28.70 12.14 -17.74
CA ASP B 291 -29.31 10.83 -17.72
C ASP B 291 -28.25 9.81 -18.04
N GLY B 292 -27.01 10.26 -18.16
CA GLY B 292 -25.88 9.40 -18.61
C GLY B 292 -25.54 8.25 -17.66
N ALA B 293 -24.67 7.33 -18.13
CA ALA B 293 -24.29 6.13 -17.39
C ALA B 293 -23.30 6.47 -16.30
N HIS B 294 -22.52 7.53 -16.54
CA HIS B 294 -21.53 7.98 -15.58
C HIS B 294 -22.22 8.54 -14.35
N ILE B 295 -23.16 9.45 -14.56
CA ILE B 295 -23.94 10.03 -13.46
C ILE B 295 -24.79 8.96 -12.73
N ALA B 296 -25.32 8.01 -13.49
CA ALA B 296 -26.02 6.88 -12.90
C ALA B 296 -25.09 6.05 -12.03
N PHE B 297 -23.88 5.82 -12.54
CA PHE B 297 -22.89 5.07 -11.80
C PHE B 297 -22.51 5.82 -10.54
N ALA B 298 -22.45 7.15 -10.65
CA ALA B 298 -22.13 7.97 -9.52
C ALA B 298 -23.16 7.74 -8.41
N GLN B 299 -24.43 7.65 -8.78
CA GLN B 299 -25.52 7.42 -7.82
C GLN B 299 -25.41 6.08 -7.09
N VAL B 300 -24.81 5.07 -7.73
CA VAL B 300 -24.85 3.71 -7.22
C VAL B 300 -23.77 3.46 -6.18
N ILE B 301 -22.62 4.09 -6.38
CA ILE B 301 -21.50 3.91 -5.45
C ILE B 301 -21.64 4.81 -4.22
N ALA B 302 -21.02 4.41 -3.12
CA ALA B 302 -21.06 5.24 -1.92
C ALA B 302 -19.84 6.13 -1.73
N ASN B 303 -19.07 6.38 -2.77
CA ASN B 303 -17.90 7.26 -2.64
C ASN B 303 -18.29 8.72 -2.74
N PRO B 304 -17.51 9.61 -2.16
CA PRO B 304 -17.70 11.00 -2.46
C PRO B 304 -17.38 11.23 -3.93
N VAL B 305 -18.16 12.06 -4.60
CA VAL B 305 -18.04 12.25 -6.03
C VAL B 305 -18.06 13.74 -6.38
N GLY B 306 -17.17 14.16 -7.26
CA GLY B 306 -17.23 15.52 -7.73
C GLY B 306 -17.79 15.52 -9.14
N VAL B 307 -18.37 16.65 -9.57
CA VAL B 307 -18.77 16.84 -10.97
C VAL B 307 -18.26 18.17 -11.53
N LYS B 308 -17.60 18.14 -12.68
CA LYS B 308 -17.10 19.35 -13.34
C LYS B 308 -18.23 20.19 -13.93
N LEU B 309 -18.11 21.51 -13.88
CA LEU B 309 -19.17 22.40 -14.34
C LEU B 309 -18.55 23.43 -15.25
N GLY B 310 -18.91 23.35 -16.52
CA GLY B 310 -18.42 24.29 -17.54
C GLY B 310 -19.25 25.56 -17.71
N PRO B 311 -18.81 26.41 -18.65
CA PRO B 311 -19.46 27.66 -18.87
C PRO B 311 -20.90 27.55 -19.36
N ASN B 312 -21.25 26.47 -20.01
CA ASN B 312 -22.64 26.34 -20.42
C ASN B 312 -23.54 25.79 -19.30
N MET B 313 -22.99 25.61 -18.10
CA MET B 313 -23.77 25.15 -16.97
C MET B 313 -24.84 26.15 -16.50
N THR B 314 -26.05 25.65 -16.24
CA THR B 314 -27.18 26.47 -15.80
C THR B 314 -27.51 26.15 -14.35
N PRO B 315 -27.90 27.17 -13.58
CA PRO B 315 -28.28 26.96 -12.21
C PRO B 315 -29.32 25.85 -12.06
N GLU B 316 -30.23 25.75 -13.02
CA GLU B 316 -31.25 24.69 -12.99
C GLU B 316 -30.62 23.31 -13.06
N LEU B 317 -29.77 23.11 -14.06
CA LEU B 317 -29.06 21.83 -14.24
C LEU B 317 -28.20 21.53 -13.02
N ALA B 318 -27.40 22.52 -12.62
CA ALA B 318 -26.50 22.32 -11.50
C ALA B 318 -27.33 21.75 -10.34
N VAL B 319 -28.52 22.31 -10.12
CA VAL B 319 -29.40 21.85 -9.03
C VAL B 319 -29.89 20.39 -9.28
N GLU B 320 -30.01 20.02 -10.53
CA GLU B 320 -30.42 18.65 -10.83
C GLU B 320 -29.32 17.65 -10.44
N TYR B 321 -28.07 18.06 -10.62
CA TYR B 321 -26.96 17.23 -10.25
C TYR B 321 -26.93 17.09 -8.74
N VAL B 322 -27.18 18.19 -8.04
CA VAL B 322 -27.12 18.19 -6.61
C VAL B 322 -28.19 17.29 -5.98
N GLU B 323 -29.29 17.08 -6.69
CA GLU B 323 -30.41 16.34 -6.12
C GLU B 323 -30.37 14.89 -6.47
N ARG B 324 -29.67 14.55 -7.55
CA ARG B 324 -29.50 13.15 -7.98
C ARG B 324 -28.28 12.52 -7.29
N LEU B 325 -27.19 13.28 -7.28
CA LEU B 325 -25.97 12.81 -6.68
C LEU B 325 -25.94 12.93 -5.16
N ASP B 326 -26.75 13.81 -4.59
CA ASP B 326 -26.86 13.92 -3.11
C ASP B 326 -28.29 13.86 -2.62
N PRO B 327 -28.95 12.72 -2.81
CA PRO B 327 -30.37 12.60 -2.53
C PRO B 327 -30.72 12.52 -1.05
N HIS B 328 -29.74 12.24 -0.22
CA HIS B 328 -30.03 12.09 1.19
C HIS B 328 -29.58 13.29 2.01
N ASN B 329 -29.07 14.30 1.32
CA ASN B 329 -28.45 15.45 1.98
C ASN B 329 -27.38 15.02 3.00
N LYS B 330 -26.25 14.55 2.48
CA LYS B 330 -25.06 14.27 3.28
C LYS B 330 -23.96 15.26 2.91
N PRO B 331 -23.79 16.32 3.70
CA PRO B 331 -22.84 17.31 3.25
C PRO B 331 -21.45 16.72 2.96
N GLY B 332 -20.97 16.98 1.74
CA GLY B 332 -19.64 16.55 1.32
C GLY B 332 -19.63 15.42 0.31
N ARG B 333 -20.66 14.59 0.32
CA ARG B 333 -20.79 13.57 -0.72
C ARG B 333 -20.52 14.17 -2.12
N LEU B 334 -21.13 15.32 -2.41
CA LEU B 334 -21.00 15.92 -3.73
C LEU B 334 -20.11 17.16 -3.75
N THR B 335 -19.26 17.25 -4.75
CA THR B 335 -18.38 18.40 -4.92
C THR B 335 -18.61 18.97 -6.28
N LEU B 336 -18.94 20.24 -6.35
CA LEU B 336 -19.19 20.89 -7.63
C LEU B 336 -17.97 21.65 -8.06
N VAL B 337 -17.28 21.12 -9.06
CA VAL B 337 -16.01 21.69 -9.50
C VAL B 337 -16.20 22.68 -10.62
N SER B 338 -15.75 23.91 -10.39
CA SER B 338 -15.98 25.01 -11.31
C SER B 338 -14.81 25.23 -12.25
N ARG B 339 -15.02 25.03 -13.53
CA ARG B 339 -14.01 25.38 -14.54
C ARG B 339 -14.58 26.30 -15.60
N MET B 340 -14.84 27.54 -15.23
CA MET B 340 -15.41 28.54 -16.12
C MET B 340 -14.37 29.23 -17.00
N GLY B 341 -13.26 29.65 -16.40
CA GLY B 341 -12.28 30.51 -17.09
C GLY B 341 -12.33 31.89 -16.47
N ASN B 342 -11.17 32.41 -16.10
CA ASN B 342 -11.12 33.67 -15.32
C ASN B 342 -12.09 34.73 -15.82
N HIS B 343 -12.06 34.96 -17.13
CA HIS B 343 -12.83 36.01 -17.78
C HIS B 343 -14.35 35.82 -17.63
N LYS B 344 -14.80 34.60 -17.37
CA LYS B 344 -16.24 34.32 -17.24
C LYS B 344 -16.65 33.95 -15.82
N VAL B 345 -15.70 33.43 -15.05
CA VAL B 345 -16.02 32.83 -13.77
C VAL B 345 -16.77 33.76 -12.82
N ARG B 346 -16.59 35.07 -12.97
CA ARG B 346 -17.19 36.04 -12.05
C ARG B 346 -18.64 36.33 -12.37
N ASP B 347 -19.00 36.17 -13.62
CA ASP B 347 -20.36 36.46 -14.06
C ASP B 347 -21.16 35.17 -14.05
N LEU B 348 -20.51 34.04 -14.33
CA LEU B 348 -21.23 32.79 -14.52
C LEU B 348 -21.52 32.05 -13.24
N LEU B 349 -20.60 32.11 -12.28
CA LEU B 349 -20.69 31.28 -11.06
C LEU B 349 -21.74 31.69 -10.05
N PRO B 350 -21.86 33.02 -9.77
CA PRO B 350 -22.66 33.51 -8.66
C PRO B 350 -24.10 33.07 -8.73
N PRO B 351 -24.72 33.16 -9.93
CA PRO B 351 -26.09 32.69 -10.08
C PRO B 351 -26.23 31.21 -9.85
N ILE B 352 -25.17 30.45 -10.12
CA ILE B 352 -25.21 29.00 -9.96
C ILE B 352 -25.17 28.67 -8.50
N VAL B 353 -24.37 29.44 -7.79
CA VAL B 353 -24.19 29.25 -6.36
C VAL B 353 -25.43 29.60 -5.55
N GLU B 354 -26.21 30.59 -5.96
CA GLU B 354 -27.37 30.98 -5.16
C GLU B 354 -28.44 29.91 -5.25
N LYS B 355 -28.73 29.50 -6.47
CA LYS B 355 -29.82 28.56 -6.74
C LYS B 355 -29.54 27.20 -6.10
N VAL B 356 -28.24 26.91 -5.91
CA VAL B 356 -27.77 25.68 -5.27
C VAL B 356 -27.91 25.75 -3.75
N GLN B 357 -27.33 26.79 -3.16
CA GLN B 357 -27.39 26.99 -1.73
C GLN B 357 -28.84 27.00 -1.28
N ALA B 358 -29.68 27.51 -2.17
CA ALA B 358 -31.11 27.62 -1.91
C ALA B 358 -31.75 26.25 -1.66
N THR B 359 -31.14 25.19 -2.19
CA THR B 359 -31.74 23.85 -2.12
C THR B 359 -31.64 23.28 -0.69
N GLY B 360 -30.79 23.88 0.12
CA GLY B 360 -30.57 23.41 1.46
C GLY B 360 -29.47 22.39 1.55
N HIS B 361 -28.98 21.95 0.40
CA HIS B 361 -27.89 20.97 0.38
C HIS B 361 -26.59 21.71 0.51
N GLN B 362 -25.56 21.05 1.01
CA GLN B 362 -24.27 21.69 1.22
C GLN B 362 -23.20 20.96 0.46
N VAL B 363 -22.89 21.46 -0.75
CA VAL B 363 -21.83 20.88 -1.57
C VAL B 363 -20.50 21.57 -1.25
N ILE B 364 -19.42 21.04 -1.81
CA ILE B 364 -18.11 21.64 -1.65
C ILE B 364 -17.90 22.40 -2.92
N TRP B 365 -17.57 23.68 -2.83
CA TRP B 365 -17.33 24.48 -4.04
C TRP B 365 -15.86 24.51 -4.36
N GLN B 366 -15.40 23.58 -5.20
CA GLN B 366 -13.97 23.46 -5.55
C GLN B 366 -13.70 24.21 -6.83
N CYS B 367 -12.59 24.90 -6.88
CA CYS B 367 -12.27 25.65 -8.08
C CYS B 367 -11.27 24.93 -8.98
N ASP B 368 -11.67 24.68 -10.23
CA ASP B 368 -10.73 24.18 -11.23
C ASP B 368 -10.30 25.27 -12.21
N PRO B 369 -9.14 25.91 -11.96
CA PRO B 369 -8.68 27.04 -12.75
C PRO B 369 -7.86 26.63 -13.94
N MET B 370 -7.70 25.32 -14.12
CA MET B 370 -6.91 24.79 -15.19
C MET B 370 -7.75 24.70 -16.43
N HIS B 371 -8.71 23.78 -16.40
CA HIS B 371 -9.37 23.26 -17.60
C HIS B 371 -10.10 24.35 -18.32
N GLY B 372 -10.32 25.47 -17.63
CA GLY B 372 -11.02 26.59 -18.22
C GLY B 372 -10.14 27.33 -19.21
N ASN B 373 -8.93 27.61 -18.77
CA ASN B 373 -8.07 28.57 -19.44
C ASN B 373 -7.08 27.86 -20.37
N THR B 374 -7.21 28.09 -21.68
CA THR B 374 -6.24 27.56 -22.68
C THR B 374 -6.23 28.42 -23.96
N HIS B 375 -5.14 29.17 -24.21
CA HIS B 375 -5.05 30.03 -25.40
C HIS B 375 -4.41 29.31 -26.62
N GLU B 376 -3.80 28.15 -26.37
CA GLU B 376 -3.21 27.30 -27.45
C GLU B 376 -1.98 27.94 -28.12
N SER B 377 -1.03 28.42 -27.29
CA SER B 377 0.16 29.15 -27.77
C SER B 377 0.06 29.64 -29.21
N PHE B 381 1.72 22.50 -29.37
CA PHE B 381 1.65 22.67 -27.93
C PHE B 381 0.30 23.28 -27.52
N LYS B 382 0.05 23.31 -26.21
CA LYS B 382 -1.19 23.88 -25.65
C LYS B 382 -0.88 24.75 -24.42
N THR B 383 -0.55 26.02 -24.65
CA THR B 383 -0.04 26.91 -23.59
C THR B 383 -1.14 27.43 -22.66
N ARG B 384 -0.77 27.50 -21.37
CA ARG B 384 -1.62 28.00 -20.28
C ARG B 384 -0.85 29.05 -19.47
N HIS B 385 -1.28 30.31 -19.50
CA HIS B 385 -0.57 31.35 -18.78
C HIS B 385 -0.94 31.34 -17.31
N PHE B 386 0.09 31.49 -16.47
CA PHE B 386 -0.06 31.41 -15.03
C PHE B 386 -1.05 32.45 -14.57
N ASP B 387 -0.81 33.71 -14.92
CA ASP B 387 -1.63 34.79 -14.41
C ASP B 387 -3.13 34.52 -14.61
N ARG B 388 -3.47 33.88 -15.72
CA ARG B 388 -4.86 33.50 -16.00
C ARG B 388 -5.42 32.48 -15.00
N ILE B 389 -4.58 31.53 -14.59
CA ILE B 389 -4.97 30.52 -13.59
C ILE B 389 -5.27 31.17 -12.26
N VAL B 390 -4.26 31.88 -11.72
CA VAL B 390 -4.45 32.64 -10.47
C VAL B 390 -5.68 33.53 -10.55
N ASP B 391 -5.89 34.17 -11.70
CA ASP B 391 -7.03 35.06 -11.82
C ASP B 391 -8.34 34.33 -11.60
N GLU B 392 -8.44 33.09 -12.04
CA GLU B 392 -9.72 32.42 -11.90
C GLU B 392 -9.95 32.08 -10.45
N VAL B 393 -8.91 31.66 -9.75
CA VAL B 393 -9.12 31.26 -8.36
C VAL B 393 -9.44 32.52 -7.56
N GLN B 394 -8.90 33.65 -8.02
CA GLN B 394 -9.15 34.93 -7.40
C GLN B 394 -10.63 35.25 -7.51
N GLY B 395 -11.14 35.22 -8.72
CA GLY B 395 -12.55 35.49 -8.97
C GLY B 395 -13.41 34.48 -8.28
N PHE B 396 -13.01 33.22 -8.32
CA PHE B 396 -13.72 32.18 -7.62
C PHE B 396 -13.93 32.55 -6.14
N PHE B 397 -12.89 33.04 -5.48
CA PHE B 397 -13.04 33.52 -4.09
C PHE B 397 -13.99 34.70 -4.06
N GLU B 398 -13.77 35.68 -4.94
CA GLU B 398 -14.55 36.92 -4.96
C GLU B 398 -16.04 36.66 -5.04
N VAL B 399 -16.41 35.62 -5.75
CA VAL B 399 -17.80 35.23 -5.81
C VAL B 399 -18.33 34.76 -4.44
N HIS B 400 -17.67 33.78 -3.83
CA HIS B 400 -18.11 33.24 -2.52
C HIS B 400 -18.12 34.29 -1.39
N ARG B 401 -17.10 35.15 -1.39
CA ARG B 401 -17.00 36.20 -0.39
C ARG B 401 -18.27 37.02 -0.47
N ALA B 402 -18.59 37.49 -1.66
CA ALA B 402 -19.80 38.29 -1.84
C ALA B 402 -21.07 37.61 -1.31
N LEU B 403 -21.36 36.41 -1.80
CA LEU B 403 -22.58 35.67 -1.43
C LEU B 403 -22.52 35.12 0.00
N GLY B 404 -21.32 35.06 0.55
CA GLY B 404 -21.14 34.69 1.94
C GLY B 404 -21.03 33.20 2.13
N THR B 405 -20.79 32.49 1.03
CA THR B 405 -20.61 31.04 1.08
C THR B 405 -19.12 30.71 1.22
N HIS B 406 -18.83 29.42 1.28
CA HIS B 406 -17.48 28.95 1.47
C HIS B 406 -16.74 28.52 0.18
N PRO B 407 -15.61 29.18 -0.13
CA PRO B 407 -14.79 28.67 -1.20
C PRO B 407 -14.12 27.36 -0.73
N GLY B 408 -14.69 26.26 -1.19
CA GLY B 408 -14.42 24.94 -0.61
C GLY B 408 -13.01 24.43 -0.76
N GLY B 409 -12.49 24.50 -1.98
CA GLY B 409 -11.13 24.03 -2.26
C GLY B 409 -10.68 24.32 -3.67
N ILE B 410 -9.59 23.67 -4.09
CA ILE B 410 -9.11 23.77 -5.47
C ILE B 410 -8.68 22.43 -6.09
N HIS B 411 -8.66 22.41 -7.42
CA HIS B 411 -8.23 21.24 -8.20
C HIS B 411 -7.14 21.66 -9.18
N VAL B 412 -5.91 21.30 -8.91
CA VAL B 412 -4.80 21.73 -9.75
C VAL B 412 -4.19 20.51 -10.45
N GLU B 413 -3.61 20.75 -11.63
CA GLU B 413 -2.84 19.73 -12.35
C GLU B 413 -1.38 20.15 -12.37
N ILE B 414 -0.52 19.37 -11.68
CA ILE B 414 0.90 19.77 -11.40
C ILE B 414 1.86 18.62 -11.70
N THR B 415 3.09 18.72 -11.16
CA THR B 415 4.11 17.63 -11.19
C THR B 415 5.33 17.92 -10.25
N GLY B 416 6.21 16.92 -10.12
CA GLY B 416 7.45 17.03 -9.31
C GLY B 416 8.69 17.49 -10.09
N GLU B 417 8.90 16.90 -11.26
CA GLU B 417 9.98 17.35 -12.16
C GLU B 417 9.61 18.73 -12.74
N ASN B 418 10.52 19.70 -12.58
CA ASN B 418 10.25 21.05 -13.08
C ASN B 418 10.20 21.13 -14.62
N VAL B 419 8.98 21.30 -15.14
CA VAL B 419 8.72 21.38 -16.60
C VAL B 419 8.63 22.85 -17.07
N THR B 420 8.95 23.09 -18.35
CA THR B 420 9.04 24.45 -18.90
C THR B 420 8.21 25.44 -18.08
N ALA B 435 8.88 23.67 -26.99
CA ALA B 435 10.31 23.89 -26.86
C ALA B 435 10.84 23.16 -25.63
N GLY B 436 12.11 23.41 -25.31
CA GLY B 436 12.77 22.87 -24.10
C GLY B 436 12.12 21.68 -23.41
N ARG B 437 11.51 21.93 -22.25
CA ARG B 437 10.97 20.87 -21.40
C ARG B 437 9.46 20.68 -21.50
N TYR B 438 9.06 19.84 -22.46
CA TYR B 438 7.67 19.40 -22.57
C TYR B 438 7.67 17.88 -22.34
N GLU B 439 7.46 17.49 -21.08
CA GLU B 439 7.59 16.09 -20.63
C GLU B 439 6.24 15.38 -20.45
N THR B 440 5.17 16.14 -20.20
CA THR B 440 3.84 15.57 -19.94
C THR B 440 3.25 14.78 -21.13
N ALA B 441 2.43 13.77 -20.82
CA ALA B 441 1.76 12.98 -21.86
C ALA B 441 0.43 13.64 -22.23
N CYS B 442 0.23 14.87 -21.76
CA CYS B 442 -0.96 15.61 -22.11
C CYS B 442 -0.70 17.13 -22.24
N ASP B 443 -0.96 17.87 -21.17
CA ASP B 443 -1.00 19.34 -21.24
C ASP B 443 0.09 19.99 -20.37
N PRO B 444 0.66 21.13 -20.82
CA PRO B 444 1.53 21.92 -19.94
C PRO B 444 0.69 22.64 -18.87
N ARG B 445 1.01 22.35 -17.62
CA ARG B 445 0.17 22.74 -16.52
C ARG B 445 0.94 23.77 -15.70
N LEU B 446 0.99 23.52 -14.40
CA LEU B 446 1.89 24.20 -13.51
C LEU B 446 3.01 23.21 -13.22
N ASN B 447 4.23 23.71 -13.15
CA ASN B 447 5.33 22.87 -12.66
C ASN B 447 5.39 22.90 -11.13
N THR B 448 6.19 22.00 -10.57
CA THR B 448 6.33 21.92 -9.13
C THR B 448 6.38 23.32 -8.54
N GLN B 449 7.22 24.17 -9.14
CA GLN B 449 7.43 25.51 -8.63
C GLN B 449 6.14 26.33 -8.69
N GLN B 450 5.59 26.50 -9.89
CA GLN B 450 4.39 27.31 -10.06
C GLN B 450 3.26 26.91 -9.13
N SER B 451 3.17 25.64 -8.80
CA SER B 451 2.03 25.17 -8.04
C SER B 451 2.26 25.53 -6.59
N LEU B 452 3.50 25.48 -6.16
CA LEU B 452 3.81 25.91 -4.81
C LEU B 452 3.57 27.41 -4.70
N GLU B 453 4.02 28.11 -5.73
CA GLU B 453 3.84 29.55 -5.84
C GLU B 453 2.35 29.90 -5.89
N LEU B 454 1.57 29.05 -6.54
CA LEU B 454 0.14 29.25 -6.56
C LEU B 454 -0.43 29.02 -5.17
N ALA B 455 0.20 28.13 -4.40
CA ALA B 455 -0.32 27.79 -3.07
C ALA B 455 -0.15 28.97 -2.16
N PHE B 456 0.93 29.71 -2.38
CA PHE B 456 1.18 30.94 -1.63
C PHE B 456 0.17 32.04 -1.96
N LEU B 457 -0.03 32.28 -3.26
CA LEU B 457 -0.97 33.32 -3.68
C LEU B 457 -2.34 33.00 -3.11
N VAL B 458 -2.74 31.74 -3.24
CA VAL B 458 -4.05 31.30 -2.76
C VAL B 458 -4.13 31.31 -1.25
N ALA B 459 -2.99 31.22 -0.58
CA ALA B 459 -2.95 31.31 0.88
C ALA B 459 -3.28 32.71 1.32
N GLU B 460 -2.83 33.72 0.56
CA GLU B 460 -3.16 35.12 0.85
C GLU B 460 -4.63 35.45 0.57
N MET B 461 -5.26 34.69 -0.32
CA MET B 461 -6.68 34.89 -0.58
C MET B 461 -7.49 34.35 0.60
N LEU B 462 -6.98 33.34 1.28
CA LEU B 462 -7.70 32.81 2.42
C LEU B 462 -7.59 33.79 3.60
N ARG B 463 -6.49 34.53 3.65
CA ARG B 463 -6.23 35.45 4.74
C ARG B 463 -7.19 36.63 4.78
N ASP B 464 -7.57 37.12 3.60
CA ASP B 464 -8.42 38.34 3.48
C ASP B 464 -9.92 38.07 3.40
N PHE C . -3.94 -12.42 -8.56
CA PHE C . -4.08 -12.51 -10.05
C PHE C . -2.78 -12.95 -10.66
O PHE C . -1.71 -12.66 -10.10
CB PHE C . -4.45 -11.13 -10.61
CG PHE C . -3.50 -10.06 -10.19
CD1 PHE C . -2.61 -9.53 -11.08
CD2 PHE C . -3.42 -9.70 -8.87
CE1 PHE C . -1.69 -8.59 -10.68
CE2 PHE C . -2.49 -8.77 -8.45
CZ PHE C . -1.65 -8.18 -9.35
OXT PHE C . -2.74 -13.57 -11.71
P PO4 D . 13.18 -24.52 5.86
O1 PO4 D . 13.40 -24.74 7.34
O2 PO4 D . 12.98 -25.84 5.16
O3 PO4 D . 11.92 -23.70 5.71
O4 PO4 D . 14.34 -23.75 5.24
N PHE E . -0.73 -0.59 19.23
CA PHE E . -0.90 -2.05 19.36
C PHE E . 0.31 -2.73 18.72
O PHE E . 1.05 -3.47 19.39
CB PHE E . -2.21 -2.46 18.69
CG PHE E . -2.42 -3.94 18.58
CD1 PHE E . -1.79 -4.82 19.45
CD2 PHE E . -3.29 -4.46 17.63
CE1 PHE E . -1.96 -6.20 19.32
CE2 PHE E . -3.50 -5.83 17.52
CZ PHE E . -2.84 -6.70 18.37
OXT PHE E . 0.65 -2.45 17.57
P PO4 F . 10.43 -31.28 -1.22
O1 PO4 F . 9.72 -32.43 -0.54
O2 PO4 F . 9.49 -30.10 -1.20
O3 PO4 F . 11.65 -30.98 -0.38
O4 PO4 F . 10.87 -31.61 -2.65
N PHE G . 5.02 0.60 -14.95
CA PHE G . 5.78 -0.53 -15.59
C PHE G . 4.97 -1.33 -16.61
O PHE G . 3.73 -1.26 -16.71
CB PHE G . 6.34 -1.48 -14.52
CG PHE G . 5.26 -2.10 -13.66
CD1 PHE G . 4.83 -1.45 -12.49
CD2 PHE G . 4.65 -3.30 -14.03
CE1 PHE G . 3.83 -1.99 -11.70
CE2 PHE G . 3.65 -3.83 -13.23
CZ PHE G . 3.22 -3.17 -12.07
OXT PHE G . 5.55 -2.13 -17.35
N PHE H . -0.66 16.75 11.36
CA PHE H . -0.51 17.35 10.01
C PHE H . -1.71 16.90 9.17
O PHE H . -2.14 15.76 9.26
CB PHE H . 0.84 16.91 9.40
CG PHE H . 1.11 17.46 8.02
CD1 PHE H . 1.83 16.71 7.10
CD2 PHE H . 0.64 18.72 7.64
CE1 PHE H . 2.09 17.22 5.84
CE2 PHE H . 0.85 19.21 6.35
CZ PHE H . 1.60 18.48 5.46
OXT PHE H . -2.31 17.72 8.47
N PHE I . -18.37 -6.20 -11.01
CA PHE I . -19.79 -6.64 -11.19
C PHE I . -20.41 -6.08 -12.48
O PHE I . -21.49 -6.45 -12.90
CB PHE I . -20.65 -6.20 -10.01
CG PHE I . -20.18 -6.75 -8.68
CD1 PHE I . -20.29 -8.11 -8.40
CD2 PHE I . -19.66 -5.91 -7.72
CE1 PHE I . -19.91 -8.61 -7.15
CE2 PHE I . -19.24 -6.40 -6.49
CZ PHE I . -19.38 -7.75 -6.20
OXT PHE I . -19.85 -5.18 -13.10
P PO4 J . -12.89 18.29 -17.57
O1 PO4 J . -13.53 19.33 -16.68
O2 PO4 J . -13.98 17.53 -18.26
O3 PO4 J . -12.04 18.93 -18.65
O4 PO4 J . -12.08 17.35 -16.67
P PO4 K . -9.17 17.30 -27.39
O1 PO4 K . -8.61 16.99 -26.01
O2 PO4 K . -10.45 18.07 -27.23
O3 PO4 K . -8.21 18.10 -28.26
O4 PO4 K . -9.52 16.01 -28.11
P PO4 L . -24.24 -11.07 -9.12
O1 PO4 L . -23.16 -10.70 -8.11
O2 PO4 L . -24.52 -12.55 -8.88
O3 PO4 L . -25.49 -10.25 -8.87
O4 PO4 L . -23.82 -10.91 -10.57
#